data_7YXG
#
_entry.id   7YXG
#
_cell.length_a   73.325
_cell.length_b   62.856
_cell.length_c   99.001
_cell.angle_alpha   90.000
_cell.angle_beta   109.060
_cell.angle_gamma   90.000
#
_symmetry.space_group_name_H-M   'P 1 21 1'
#
loop_
_entity.id
_entity.type
_entity.pdbx_description
1 polymer GH14974p
2 non-polymer 'MANGANESE (II) ION'
3 non-polymer '2-OXOGLUTARIC ACID'
4 non-polymer 1,2-ETHANEDIOL
5 non-polymer 'MAGNESIUM ION'
6 water water
#
_entity_poly.entity_id   1
_entity_poly.type   'polypeptide(L)'
_entity_poly.pdbx_seq_one_letter_code
;GSHMASMSEVERALDVLLQEAEELCIGSSVVELDRIPTALEFCREFYSKNQPVVIRKALNWPAIGKWTPKYLIEALGDRS
VDVAITPNGYADGLATQNGQEYFVLPLETKMKLSEVVRRLDDPTGAVHYIQKQNSNLSVDLPELAADLRVSDLDFAQQSF
NKPPDAVNFWLGDERAVTSMHKDPYENVYCVISGHKDFVLIPPHQLSCVPRGIYPTGVYKTSDSGQFYIEPLRDEEGSDQ
FTEWVSVDPLSPDLAKYPEYARAKPLKVRVHAGDILYLPNYWFHHVSQSHKCIAVNFWYDLDYDSRYCYYRMLEQMTSAR
SG
;
_entity_poly.pdbx_strand_id   A,B
#
# COMPACT_ATOMS: atom_id res chain seq x y z
N MET A 7 1.53 10.38 -27.76
CA MET A 7 1.02 9.22 -26.97
C MET A 7 -0.32 9.52 -26.30
N SER A 8 -1.08 8.46 -26.04
CA SER A 8 -2.42 8.59 -25.47
C SER A 8 -2.34 9.01 -23.99
N GLU A 9 -3.47 9.53 -23.48
CA GLU A 9 -3.54 9.87 -22.07
C GLU A 9 -3.15 8.68 -21.19
N VAL A 10 -3.68 7.51 -21.51
CA VAL A 10 -3.41 6.33 -20.69
C VAL A 10 -1.93 5.97 -20.76
N GLU A 11 -1.35 5.98 -21.96
CA GLU A 11 0.07 5.67 -22.04
C GLU A 11 0.91 6.67 -21.26
N ARG A 12 0.52 7.96 -21.29
CA ARG A 12 1.25 8.96 -20.50
C ARG A 12 1.18 8.65 -19.01
N ALA A 13 0.00 8.22 -18.55
CA ALA A 13 -0.15 7.86 -17.14
C ALA A 13 0.69 6.65 -16.78
N LEU A 14 0.66 5.62 -17.63
CA LEU A 14 1.46 4.45 -17.32
C LEU A 14 2.94 4.78 -17.34
N ASP A 15 3.37 5.66 -18.24
CA ASP A 15 4.77 6.09 -18.23
C ASP A 15 5.12 6.78 -16.92
N VAL A 16 4.20 7.59 -16.40
CA VAL A 16 4.46 8.25 -15.11
C VAL A 16 4.65 7.21 -14.01
N LEU A 17 3.74 6.22 -13.95
CA LEU A 17 3.87 5.15 -12.96
C LEU A 17 5.23 4.47 -13.05
N LEU A 18 5.61 4.02 -14.25
CA LEU A 18 6.82 3.24 -14.39
C LEU A 18 8.07 4.08 -14.12
N GLN A 19 8.08 5.35 -14.57
CA GLN A 19 9.24 6.20 -14.30
C GLN A 19 9.38 6.50 -12.81
N GLU A 20 8.27 6.79 -12.13
CA GLU A 20 8.38 7.04 -10.69
C GLU A 20 8.84 5.80 -9.94
N ALA A 21 8.33 4.61 -10.33
CA ALA A 21 8.75 3.41 -9.60
C ALA A 21 10.22 3.10 -9.83
N GLU A 22 10.71 3.33 -11.05
CA GLU A 22 12.13 3.11 -11.29
C GLU A 22 12.97 4.12 -10.52
N GLU A 23 12.58 5.39 -10.52
CA GLU A 23 13.37 6.42 -9.85
C GLU A 23 13.46 6.13 -8.35
N LEU A 24 12.41 5.57 -7.77
CA LEU A 24 12.33 5.34 -6.34
C LEU A 24 12.69 3.90 -5.95
N CYS A 25 13.16 3.10 -6.89
CA CYS A 25 13.58 1.71 -6.63
C CYS A 25 12.46 0.88 -6.00
N ILE A 26 11.27 0.98 -6.56
CA ILE A 26 10.11 0.31 -6.02
C ILE A 26 10.12 -1.07 -6.63
N GLY A 27 10.15 -2.09 -5.79
CA GLY A 27 10.15 -3.46 -6.30
C GLY A 27 11.31 -3.78 -7.22
N SER A 28 12.48 -3.24 -6.95
CA SER A 28 13.60 -3.34 -7.85
C SER A 28 14.63 -4.38 -7.40
N SER A 29 14.38 -5.06 -6.28
CA SER A 29 15.31 -6.11 -5.82
C SER A 29 14.58 -6.99 -4.83
N VAL A 30 15.13 -8.18 -4.61
CA VAL A 30 14.72 -9.03 -3.49
C VAL A 30 15.73 -8.80 -2.38
N VAL A 31 15.25 -8.27 -1.25
CA VAL A 31 16.13 -7.99 -0.11
C VAL A 31 16.62 -9.30 0.49
N GLU A 32 17.90 -9.35 0.85
CA GLU A 32 18.47 -10.55 1.47
C GLU A 32 18.81 -10.26 2.92
N LEU A 33 18.33 -11.10 3.81
CA LEU A 33 18.66 -11.07 5.23
C LEU A 33 19.41 -12.34 5.64
N ASP A 34 20.32 -12.22 6.61
CA ASP A 34 21.04 -13.38 7.15
C ASP A 34 20.44 -13.76 8.51
N ARG A 35 19.45 -13.04 9.02
CA ARG A 35 18.83 -13.38 10.29
C ARG A 35 17.37 -12.99 10.20
N ILE A 36 16.53 -13.74 10.90
CA ILE A 36 15.10 -13.46 10.93
C ILE A 36 14.88 -12.08 11.52
N PRO A 37 14.04 -11.24 10.92
CA PRO A 37 13.81 -9.91 11.48
C PRO A 37 12.82 -9.96 12.64
N THR A 38 12.72 -8.84 13.37
CA THR A 38 11.66 -8.75 14.35
C THR A 38 10.31 -8.61 13.62
N ALA A 39 9.23 -8.87 14.35
CA ALA A 39 7.90 -8.68 13.75
C ALA A 39 7.70 -7.24 13.27
N LEU A 40 8.12 -6.27 14.08
CA LEU A 40 7.96 -4.87 13.67
C LEU A 40 8.76 -4.57 12.42
N GLU A 41 10.01 -5.05 12.38
CA GLU A 41 10.83 -4.85 11.18
C GLU A 41 10.15 -5.45 9.97
N PHE A 42 9.63 -6.67 10.12
CA PHE A 42 9.01 -7.29 8.97
C PHE A 42 7.81 -6.51 8.50
N CYS A 43 7.01 -6.01 9.46
CA CYS A 43 5.83 -5.25 9.09
C CYS A 43 6.21 -3.96 8.39
N ARG A 44 7.21 -3.27 8.91
CA ARG A 44 7.56 -1.96 8.38
C ARG A 44 8.27 -2.06 7.04
N GLU A 45 9.18 -3.01 6.90
CA GLU A 45 10.05 -3.01 5.75
C GLU A 45 9.52 -3.85 4.59
N PHE A 46 8.76 -4.90 4.84
CA PHE A 46 8.41 -5.87 3.80
C PHE A 46 6.90 -5.92 3.60
N TYR A 47 6.13 -6.20 4.64
CA TYR A 47 4.68 -6.24 4.48
C TYR A 47 4.12 -4.90 4.03
N SER A 48 4.40 -3.83 4.76
CA SER A 48 3.79 -2.54 4.46
C SER A 48 4.19 -2.03 3.08
N LYS A 49 5.37 -2.44 2.61
N LYS A 49 5.37 -2.43 2.60
CA LYS A 49 5.91 -2.01 1.33
CA LYS A 49 5.87 -1.99 1.31
C LYS A 49 5.66 -3.02 0.20
C LYS A 49 5.59 -2.99 0.18
N ASN A 50 4.97 -4.14 0.50
CA ASN A 50 4.71 -5.18 -0.52
C ASN A 50 6.01 -5.55 -1.22
N GLN A 51 7.03 -5.80 -0.40
CA GLN A 51 8.42 -5.96 -0.81
C GLN A 51 8.91 -7.37 -0.50
N PRO A 52 9.34 -8.15 -1.48
CA PRO A 52 9.82 -9.49 -1.17
C PRO A 52 11.16 -9.48 -0.44
N VAL A 53 11.33 -10.52 0.35
CA VAL A 53 12.58 -10.72 1.10
C VAL A 53 12.89 -12.20 1.18
N VAL A 54 14.18 -12.54 1.10
N VAL A 54 14.18 -12.52 1.12
CA VAL A 54 14.66 -13.89 1.33
CA VAL A 54 14.67 -13.89 1.34
C VAL A 54 15.56 -13.86 2.57
C VAL A 54 15.57 -13.87 2.57
N ILE A 55 15.28 -14.76 3.50
CA ILE A 55 16.03 -14.93 4.74
C ILE A 55 16.83 -16.21 4.62
N ARG A 56 18.16 -16.08 4.61
CA ARG A 56 19.03 -17.23 4.40
C ARG A 56 19.25 -18.01 5.68
N LYS A 57 19.19 -19.34 5.58
CA LYS A 57 19.48 -20.24 6.71
C LYS A 57 18.65 -19.86 7.93
N ALA A 58 17.38 -19.61 7.68
CA ALA A 58 16.48 -19.13 8.73
C ALA A 58 15.98 -20.25 9.61
N LEU A 59 15.78 -21.44 9.04
CA LEU A 59 15.05 -22.50 9.72
C LEU A 59 15.97 -23.68 9.98
N ASN A 60 15.86 -24.32 11.12
CA ASN A 60 16.69 -25.52 11.29
C ASN A 60 15.73 -26.67 11.55
N TRP A 61 14.44 -26.60 11.10
CA TRP A 61 13.39 -27.57 11.32
C TRP A 61 13.93 -28.98 11.13
N PRO A 62 13.52 -29.96 11.94
CA PRO A 62 13.94 -31.36 11.69
C PRO A 62 13.73 -31.82 10.27
N ALA A 63 12.68 -31.35 9.60
CA ALA A 63 12.42 -31.74 8.22
C ALA A 63 13.62 -31.49 7.34
N ILE A 64 14.36 -30.43 7.60
CA ILE A 64 15.53 -30.11 6.78
C ILE A 64 16.64 -31.08 7.11
N GLY A 65 17.01 -31.90 6.13
CA GLY A 65 18.01 -32.93 6.30
C GLY A 65 17.42 -34.29 6.56
N LYS A 66 16.16 -34.37 6.95
CA LYS A 66 15.49 -35.63 7.21
C LYS A 66 14.55 -36.05 6.09
N TRP A 67 13.81 -35.11 5.50
CA TRP A 67 12.88 -35.47 4.43
C TRP A 67 13.68 -35.74 3.16
N THR A 68 13.77 -36.97 2.81
CA THR A 68 14.36 -37.37 1.55
C THR A 68 13.27 -38.20 0.89
N PRO A 69 13.37 -38.48 -0.41
CA PRO A 69 12.40 -39.42 -1.02
C PRO A 69 12.36 -40.74 -0.26
N LYS A 70 13.52 -41.27 0.13
CA LYS A 70 13.60 -42.52 0.87
C LYS A 70 12.86 -42.42 2.21
N TYR A 71 13.10 -41.32 2.95
CA TYR A 71 12.47 -41.17 4.25
C TYR A 71 10.96 -41.07 4.10
N LEU A 72 10.52 -40.30 3.10
CA LEU A 72 9.09 -40.15 2.88
C LEU A 72 8.43 -41.46 2.49
N ILE A 73 9.12 -42.28 1.69
CA ILE A 73 8.58 -43.62 1.38
C ILE A 73 8.48 -44.44 2.65
N GLU A 74 9.51 -44.39 3.49
CA GLU A 74 9.49 -45.23 4.70
C GLU A 74 8.38 -44.82 5.64
N ALA A 75 8.15 -43.51 5.75
CA ALA A 75 7.19 -43.00 6.73
C ALA A 75 5.76 -43.02 6.19
N LEU A 76 5.59 -42.58 4.95
CA LEU A 76 4.27 -42.40 4.34
C LEU A 76 4.19 -43.02 2.95
N GLY A 77 5.03 -44.02 2.67
CA GLY A 77 5.06 -44.58 1.33
C GLY A 77 3.69 -45.03 0.81
N ASP A 78 2.83 -45.51 1.69
CA ASP A 78 1.53 -46.02 1.26
C ASP A 78 0.45 -44.96 1.24
N ARG A 79 0.73 -43.75 1.70
CA ARG A 79 -0.28 -42.70 1.70
C ARG A 79 -0.61 -42.34 0.26
N SER A 80 -1.90 -42.38 -0.07
CA SER A 80 -2.37 -41.98 -1.38
C SER A 80 -2.43 -40.45 -1.42
N VAL A 81 -1.77 -39.87 -2.42
CA VAL A 81 -1.68 -38.43 -2.56
C VAL A 81 -2.12 -38.04 -3.97
N ASP A 82 -2.54 -36.79 -4.09
CA ASP A 82 -2.88 -36.21 -5.40
C ASP A 82 -1.59 -35.84 -6.10
N VAL A 83 -1.46 -36.23 -7.36
CA VAL A 83 -0.28 -35.89 -8.15
C VAL A 83 -0.75 -35.38 -9.50
N ALA A 84 -0.05 -34.36 -10.02
CA ALA A 84 -0.34 -33.79 -11.31
C ALA A 84 0.65 -34.32 -12.33
N ILE A 85 0.13 -34.57 -13.53
CA ILE A 85 0.89 -35.15 -14.62
C ILE A 85 0.67 -34.32 -15.87
N THR A 86 1.76 -34.00 -16.52
CA THR A 86 1.68 -33.32 -17.81
C THR A 86 2.68 -33.96 -18.76
N PRO A 87 2.46 -33.82 -20.08
CA PRO A 87 3.46 -34.32 -21.04
C PRO A 87 4.63 -33.35 -21.23
N ASN A 88 4.41 -32.07 -20.96
CA ASN A 88 5.35 -31.02 -21.33
C ASN A 88 5.98 -30.32 -20.12
N GLY A 89 5.62 -30.71 -18.90
CA GLY A 89 6.13 -30.10 -17.69
C GLY A 89 5.45 -28.79 -17.30
N TYR A 90 4.37 -28.40 -17.96
CA TYR A 90 3.70 -27.12 -17.62
C TYR A 90 2.25 -27.37 -17.17
N ALA A 91 2.11 -27.76 -15.91
CA ALA A 91 0.80 -27.80 -15.27
C ALA A 91 0.34 -26.37 -15.07
N ASP A 92 -0.89 -26.04 -15.49
CA ASP A 92 -1.36 -24.66 -15.41
C ASP A 92 -0.47 -23.78 -16.28
N GLY A 93 -0.46 -24.12 -17.54
CA GLY A 93 0.40 -23.47 -18.51
C GLY A 93 -0.16 -23.58 -19.90
N LEU A 94 0.40 -22.77 -20.79
CA LEU A 94 -0.08 -22.71 -22.16
C LEU A 94 0.49 -23.84 -23.02
N ALA A 95 -0.35 -24.37 -23.88
CA ALA A 95 0.08 -25.39 -24.85
C ALA A 95 -0.86 -25.39 -26.04
N THR A 96 -0.34 -25.85 -27.20
CA THR A 96 -1.16 -25.86 -28.40
C THR A 96 -1.64 -27.28 -28.74
N GLN A 97 -2.76 -27.32 -29.42
CA GLN A 97 -3.32 -28.57 -30.00
C GLN A 97 -4.15 -28.18 -31.21
N ASN A 98 -3.85 -28.80 -32.36
CA ASN A 98 -4.65 -28.62 -33.57
C ASN A 98 -4.79 -27.13 -33.90
N GLY A 99 -3.70 -26.37 -33.70
CA GLY A 99 -3.68 -24.99 -34.13
C GLY A 99 -4.20 -24.00 -33.11
N GLN A 100 -4.70 -24.46 -31.98
CA GLN A 100 -5.23 -23.57 -30.95
C GLN A 100 -4.36 -23.60 -29.70
N GLU A 101 -4.13 -22.41 -29.12
CA GLU A 101 -3.42 -22.33 -27.85
C GLU A 101 -4.43 -22.36 -26.70
N TYR A 102 -4.22 -23.27 -25.78
CA TYR A 102 -5.06 -23.44 -24.61
C TYR A 102 -4.26 -23.12 -23.36
N PHE A 103 -4.96 -22.68 -22.32
CA PHE A 103 -4.47 -22.77 -20.95
C PHE A 103 -4.86 -24.15 -20.42
N VAL A 104 -3.88 -24.96 -20.02
CA VAL A 104 -4.15 -26.36 -19.71
C VAL A 104 -3.87 -26.66 -18.25
N LEU A 105 -4.87 -27.28 -17.60
CA LEU A 105 -4.82 -27.88 -16.28
C LEU A 105 -4.19 -29.26 -16.35
N PRO A 106 -3.48 -29.67 -15.32
CA PRO A 106 -2.81 -30.98 -15.36
C PRO A 106 -3.82 -32.13 -15.26
N LEU A 107 -3.37 -33.27 -15.73
N LEU A 107 -3.36 -33.28 -15.71
CA LEU A 107 -4.02 -34.52 -15.40
CA LEU A 107 -4.04 -34.53 -15.40
C LEU A 107 -3.80 -34.76 -13.91
C LEU A 107 -3.81 -34.86 -13.93
N GLU A 108 -4.87 -34.94 -13.16
CA GLU A 108 -4.76 -35.13 -11.72
C GLU A 108 -5.19 -36.54 -11.37
N THR A 109 -4.39 -37.20 -10.55
CA THR A 109 -4.79 -38.52 -10.13
C THR A 109 -4.30 -38.81 -8.70
N LYS A 110 -4.79 -39.91 -8.16
CA LYS A 110 -4.35 -40.39 -6.87
C LYS A 110 -3.33 -41.49 -7.09
N MET A 111 -2.22 -41.50 -6.38
CA MET A 111 -1.34 -42.68 -6.39
C MET A 111 -0.57 -42.68 -5.09
N LYS A 112 -0.07 -43.84 -4.73
CA LYS A 112 0.79 -43.97 -3.56
C LYS A 112 2.03 -43.12 -3.74
N LEU A 113 2.48 -42.50 -2.64
CA LEU A 113 3.70 -41.70 -2.69
C LEU A 113 4.86 -42.51 -3.23
N SER A 114 4.92 -43.80 -2.85
CA SER A 114 5.92 -44.73 -3.38
C SER A 114 5.98 -44.73 -4.91
N GLU A 115 4.82 -44.75 -5.54
CA GLU A 115 4.69 -44.80 -7.01
C GLU A 115 5.10 -43.45 -7.61
N VAL A 116 4.76 -42.35 -6.95
CA VAL A 116 5.15 -41.03 -7.43
C VAL A 116 6.66 -40.95 -7.51
N VAL A 117 7.33 -41.30 -6.41
CA VAL A 117 8.79 -41.26 -6.39
C VAL A 117 9.35 -42.14 -7.51
N ARG A 118 8.75 -43.29 -7.72
CA ARG A 118 9.26 -44.14 -8.80
C ARG A 118 9.17 -43.43 -10.15
N ARG A 119 8.07 -42.73 -10.41
CA ARG A 119 7.85 -42.00 -11.68
C ARG A 119 8.78 -40.77 -11.73
N LEU A 120 9.10 -40.17 -10.61
CA LEU A 120 10.04 -39.04 -10.60
C LEU A 120 11.43 -39.53 -11.01
N ASP A 121 11.74 -40.81 -10.75
CA ASP A 121 13.03 -41.36 -11.12
C ASP A 121 13.06 -41.93 -12.53
N ASP A 122 11.97 -41.79 -13.30
CA ASP A 122 11.94 -42.23 -14.70
C ASP A 122 11.99 -41.03 -15.65
N PRO A 123 13.16 -40.70 -16.22
CA PRO A 123 13.23 -39.52 -17.11
C PRO A 123 12.55 -39.69 -18.46
N THR A 124 12.19 -40.90 -18.87
CA THR A 124 11.53 -41.07 -20.16
C THR A 124 10.02 -40.95 -20.07
N GLY A 125 9.46 -40.89 -18.87
CA GLY A 125 8.02 -40.81 -18.70
C GLY A 125 7.54 -39.38 -18.65
N ALA A 126 6.24 -39.25 -18.42
CA ALA A 126 5.60 -37.95 -18.28
C ALA A 126 6.08 -37.27 -17.02
N VAL A 127 5.79 -35.98 -16.92
CA VAL A 127 6.29 -35.15 -15.82
C VAL A 127 5.28 -35.19 -14.68
N HIS A 128 5.76 -35.55 -13.49
CA HIS A 128 4.94 -35.63 -12.29
C HIS A 128 5.36 -34.56 -11.28
N TYR A 129 4.37 -34.05 -10.55
CA TYR A 129 4.59 -33.00 -9.56
C TYR A 129 3.48 -33.14 -8.54
N ILE A 130 3.82 -33.35 -7.27
CA ILE A 130 2.84 -33.11 -6.22
C ILE A 130 2.80 -31.60 -5.98
N GLN A 131 1.71 -30.94 -6.46
CA GLN A 131 1.58 -29.49 -6.50
C GLN A 131 0.15 -29.04 -6.20
N LYS A 132 -0.61 -29.86 -5.47
CA LYS A 132 -2.05 -29.66 -5.33
C LYS A 132 -2.41 -28.36 -4.64
N GLN A 133 -1.58 -27.91 -3.70
CA GLN A 133 -1.99 -26.71 -2.94
C GLN A 133 -3.25 -27.10 -2.15
N ASN A 134 -4.20 -26.17 -1.98
CA ASN A 134 -5.43 -26.46 -1.25
C ASN A 134 -5.10 -27.02 0.14
N SER A 135 -3.96 -26.57 0.67
CA SER A 135 -3.49 -27.00 1.99
C SER A 135 -3.27 -28.52 1.98
N ASN A 136 -2.65 -29.02 0.94
CA ASN A 136 -2.54 -30.49 0.88
C ASN A 136 -1.64 -31.08 1.97
N LEU A 137 -0.76 -30.34 2.64
CA LEU A 137 0.06 -30.92 3.74
C LEU A 137 -0.85 -31.28 4.91
N SER A 138 -1.72 -30.35 5.30
CA SER A 138 -2.67 -30.51 6.42
C SER A 138 -3.67 -31.65 6.13
N VAL A 139 -4.13 -31.75 4.89
CA VAL A 139 -5.18 -32.71 4.45
C VAL A 139 -4.61 -34.11 4.20
N ASP A 140 -3.54 -34.25 3.41
CA ASP A 140 -3.04 -35.53 2.97
C ASP A 140 -1.82 -36.01 3.76
N LEU A 141 -1.01 -35.09 4.30
CA LEU A 141 0.25 -35.47 4.96
C LEU A 141 0.40 -34.83 6.33
N PRO A 142 -0.64 -34.90 7.17
CA PRO A 142 -0.57 -34.16 8.45
C PRO A 142 0.57 -34.59 9.35
N GLU A 143 0.96 -35.86 9.32
CA GLU A 143 2.04 -36.33 10.16
C GLU A 143 3.31 -35.51 9.98
N LEU A 144 3.60 -35.10 8.73
CA LEU A 144 4.78 -34.28 8.45
C LEU A 144 4.82 -33.00 9.28
N ALA A 145 3.67 -32.57 9.81
CA ALA A 145 3.66 -31.35 10.62
C ALA A 145 4.59 -31.47 11.81
N ALA A 146 4.79 -32.69 12.35
CA ALA A 146 5.63 -32.81 13.54
C ALA A 146 7.08 -32.41 13.25
N ASP A 147 7.50 -32.41 11.98
CA ASP A 147 8.87 -32.07 11.64
C ASP A 147 9.02 -30.59 11.29
N LEU A 148 7.95 -29.81 11.45
CA LEU A 148 7.97 -28.37 11.26
C LEU A 148 7.68 -27.70 12.60
N ARG A 149 8.04 -26.42 12.69
N ARG A 149 8.02 -26.41 12.68
CA ARG A 149 7.78 -25.57 13.85
CA ARG A 149 7.79 -25.57 13.85
C ARG A 149 7.26 -24.24 13.30
C ARG A 149 7.26 -24.23 13.30
N VAL A 150 5.95 -24.18 13.06
CA VAL A 150 5.37 -23.02 12.38
C VAL A 150 5.50 -21.75 13.20
N SER A 151 5.61 -21.85 14.54
CA SER A 151 5.85 -20.68 15.37
C SER A 151 7.10 -19.91 14.95
N ASP A 152 8.05 -20.57 14.27
CA ASP A 152 9.22 -19.84 13.81
C ASP A 152 8.87 -18.79 12.77
N LEU A 153 7.69 -18.88 12.18
CA LEU A 153 7.25 -17.91 11.19
C LEU A 153 6.48 -16.75 11.79
N ASP A 154 6.41 -16.69 13.12
CA ASP A 154 5.62 -15.64 13.78
C ASP A 154 6.06 -14.25 13.37
N PHE A 155 7.35 -14.06 13.08
CA PHE A 155 7.85 -12.74 12.66
C PHE A 155 7.08 -12.20 11.49
N ALA A 156 6.59 -13.08 10.64
CA ALA A 156 5.80 -12.69 9.49
C ALA A 156 4.31 -12.81 9.79
N GLN A 157 3.92 -13.84 10.54
N GLN A 157 3.88 -13.89 10.42
CA GLN A 157 2.50 -14.08 10.71
CA GLN A 157 2.47 -14.09 10.68
C GLN A 157 1.86 -12.95 11.48
C GLN A 157 1.86 -12.95 11.48
N GLN A 158 2.63 -12.28 12.34
CA GLN A 158 2.09 -11.17 13.14
C GLN A 158 1.68 -10.01 12.25
N SER A 159 2.25 -9.87 11.05
CA SER A 159 1.73 -8.83 10.16
C SER A 159 0.42 -9.25 9.52
N PHE A 160 0.25 -10.56 9.26
CA PHE A 160 -0.95 -11.01 8.60
C PHE A 160 -2.06 -11.14 9.61
N ASN A 161 -1.70 -11.42 10.86
CA ASN A 161 -2.61 -11.47 12.01
C ASN A 161 -3.77 -12.42 11.81
N LYS A 162 -3.47 -13.57 11.20
N LYS A 162 -3.47 -13.56 11.19
CA LYS A 162 -4.44 -14.62 10.98
CA LYS A 162 -4.43 -14.62 11.00
C LYS A 162 -3.66 -15.91 10.78
C LYS A 162 -3.65 -15.91 10.82
N PRO A 163 -4.25 -17.06 11.10
CA PRO A 163 -3.57 -18.34 10.81
C PRO A 163 -3.49 -18.57 9.31
N PRO A 164 -2.62 -19.46 8.86
CA PRO A 164 -2.54 -19.71 7.41
C PRO A 164 -3.89 -20.18 6.87
N ASP A 165 -4.23 -19.67 5.69
N ASP A 165 -4.24 -19.73 5.68
CA ASP A 165 -5.35 -20.19 4.92
CA ASP A 165 -5.40 -20.27 5.00
C ASP A 165 -5.03 -21.59 4.44
C ASP A 165 -5.05 -21.49 4.17
N ALA A 166 -3.77 -21.81 4.08
CA ALA A 166 -3.37 -23.07 3.50
C ALA A 166 -1.91 -23.34 3.83
N VAL A 167 -1.59 -24.62 4.00
CA VAL A 167 -0.20 -25.09 4.12
C VAL A 167 -0.01 -26.17 3.06
N ASN A 168 0.84 -25.90 2.06
CA ASN A 168 1.02 -26.79 0.93
C ASN A 168 2.36 -27.49 0.96
N PHE A 169 2.38 -28.72 0.44
CA PHE A 169 3.57 -29.55 0.31
C PHE A 169 3.83 -29.72 -1.18
N TRP A 170 5.08 -29.55 -1.58
CA TRP A 170 5.50 -29.56 -2.98
C TRP A 170 6.62 -30.57 -3.12
N LEU A 171 6.48 -31.49 -4.08
CA LEU A 171 7.58 -32.43 -4.40
C LEU A 171 7.51 -32.70 -5.88
N GLY A 172 8.56 -32.36 -6.64
CA GLY A 172 8.39 -32.36 -8.09
C GLY A 172 9.61 -32.70 -8.90
N ASP A 173 9.35 -33.00 -10.18
CA ASP A 173 10.38 -33.25 -11.19
C ASP A 173 11.07 -31.95 -11.56
N GLU A 174 12.38 -32.03 -11.84
CA GLU A 174 13.08 -30.85 -12.36
C GLU A 174 12.48 -30.36 -13.68
N ARG A 175 11.77 -31.22 -14.40
CA ARG A 175 11.07 -30.82 -15.60
C ARG A 175 9.78 -30.05 -15.32
N ALA A 176 9.28 -30.07 -14.09
CA ALA A 176 8.02 -29.40 -13.79
C ALA A 176 8.26 -27.92 -13.54
N VAL A 177 7.71 -27.06 -14.41
CA VAL A 177 7.89 -25.60 -14.34
C VAL A 177 6.52 -24.95 -14.09
N THR A 178 6.51 -23.97 -13.20
CA THR A 178 5.28 -23.23 -12.86
C THR A 178 5.32 -21.91 -13.63
N SER A 179 4.40 -21.80 -14.61
CA SER A 179 4.37 -20.63 -15.47
C SER A 179 3.98 -19.40 -14.66
N MET A 180 4.33 -18.24 -15.21
N MET A 180 4.32 -18.24 -15.22
CA MET A 180 4.17 -16.99 -14.47
CA MET A 180 4.12 -16.97 -14.54
C MET A 180 2.70 -16.71 -14.19
C MET A 180 2.65 -16.76 -14.18
N HIS A 181 2.41 -16.35 -12.93
CA HIS A 181 1.03 -16.06 -12.49
C HIS A 181 1.17 -15.21 -11.22
N LYS A 182 0.04 -14.78 -10.70
CA LYS A 182 0.01 -14.07 -9.42
C LYS A 182 -1.10 -14.68 -8.58
N ASP A 183 -0.94 -14.53 -7.27
CA ASP A 183 -1.90 -15.01 -6.30
C ASP A 183 -2.39 -13.90 -5.39
N PRO A 184 -3.64 -13.97 -4.91
CA PRO A 184 -4.17 -13.00 -3.94
C PRO A 184 -3.95 -13.42 -2.48
N TYR A 185 -2.73 -13.86 -2.19
N TYR A 185 -2.71 -13.78 -2.16
CA TYR A 185 -2.31 -14.31 -0.86
CA TYR A 185 -2.42 -14.06 -0.77
C TYR A 185 -0.95 -13.70 -0.58
C TYR A 185 -0.94 -13.83 -0.52
N GLU A 186 -0.63 -13.53 0.73
CA GLU A 186 0.74 -13.41 1.19
C GLU A 186 1.31 -14.82 1.28
N ASN A 187 2.54 -15.02 0.78
CA ASN A 187 3.09 -16.36 0.65
C ASN A 187 4.42 -16.43 1.39
N VAL A 188 4.51 -17.30 2.39
CA VAL A 188 5.75 -17.60 3.09
C VAL A 188 6.21 -18.96 2.62
N TYR A 189 7.31 -18.98 1.85
CA TYR A 189 7.76 -20.14 1.09
C TYR A 189 9.03 -20.69 1.73
N CYS A 190 9.02 -21.97 2.14
CA CYS A 190 10.11 -22.62 2.88
C CYS A 190 10.60 -23.84 2.12
N VAL A 191 11.77 -23.75 1.56
CA VAL A 191 12.35 -24.92 0.89
C VAL A 191 12.97 -25.85 1.91
N ILE A 192 12.72 -27.15 1.75
CA ILE A 192 13.18 -28.16 2.68
C ILE A 192 14.35 -28.96 2.13
N SER A 193 14.31 -29.29 0.82
CA SER A 193 15.38 -30.05 0.17
C SER A 193 15.53 -29.49 -1.23
N GLY A 194 16.77 -29.30 -1.67
CA GLY A 194 17.01 -28.83 -3.00
C GLY A 194 16.93 -27.32 -3.10
N HIS A 195 16.49 -26.84 -4.26
CA HIS A 195 16.35 -25.41 -4.40
C HIS A 195 15.27 -25.10 -5.41
N LYS A 196 14.73 -23.90 -5.23
CA LYS A 196 13.75 -23.30 -6.13
C LYS A 196 14.29 -22.02 -6.73
N ASP A 197 14.05 -21.84 -8.02
CA ASP A 197 14.45 -20.62 -8.74
C ASP A 197 13.19 -19.84 -9.13
N PHE A 198 13.06 -18.62 -8.61
CA PHE A 198 11.91 -17.77 -8.81
C PHE A 198 12.33 -16.64 -9.76
N VAL A 199 11.40 -16.31 -10.66
CA VAL A 199 11.43 -15.05 -11.42
C VAL A 199 10.21 -14.24 -10.98
N LEU A 200 10.45 -13.01 -10.53
CA LEU A 200 9.43 -12.20 -9.90
C LEU A 200 9.29 -10.89 -10.64
N ILE A 201 8.03 -10.44 -10.81
CA ILE A 201 7.77 -9.12 -11.39
C ILE A 201 6.77 -8.42 -10.48
N PRO A 202 7.00 -7.15 -10.12
CA PRO A 202 6.09 -6.48 -9.21
C PRO A 202 4.76 -6.17 -9.88
N PRO A 203 3.72 -5.99 -9.07
CA PRO A 203 2.39 -5.72 -9.65
C PRO A 203 2.31 -4.44 -10.46
N HIS A 204 3.03 -3.38 -10.06
CA HIS A 204 2.91 -2.12 -10.80
C HIS A 204 3.52 -2.19 -12.18
N GLN A 205 4.21 -3.30 -12.54
CA GLN A 205 4.68 -3.49 -13.90
C GLN A 205 3.70 -4.27 -14.76
N LEU A 206 2.42 -4.33 -14.36
CA LEU A 206 1.42 -5.07 -15.13
C LEU A 206 1.42 -4.68 -16.61
N SER A 207 1.55 -3.38 -16.92
CA SER A 207 1.50 -2.98 -18.31
C SER A 207 2.65 -3.53 -19.15
N CYS A 208 3.69 -4.08 -18.53
CA CYS A 208 4.82 -4.65 -19.23
C CYS A 208 4.68 -6.14 -19.43
N VAL A 209 3.67 -6.76 -18.83
CA VAL A 209 3.50 -8.21 -18.81
C VAL A 209 2.35 -8.58 -19.75
N PRO A 210 2.60 -9.13 -20.93
CA PRO A 210 1.51 -9.44 -21.84
C PRO A 210 0.61 -10.56 -21.28
N ARG A 211 -0.69 -10.36 -21.40
CA ARG A 211 -1.67 -11.33 -20.92
C ARG A 211 -2.67 -11.56 -22.04
N GLY A 212 -3.19 -12.78 -22.11
CA GLY A 212 -4.18 -13.09 -23.12
C GLY A 212 -5.33 -13.86 -22.50
N ILE A 213 -6.39 -14.02 -23.25
CA ILE A 213 -7.52 -14.84 -22.88
C ILE A 213 -7.49 -16.11 -23.72
N TYR A 214 -7.45 -17.24 -23.06
CA TYR A 214 -7.29 -18.52 -23.76
C TYR A 214 -8.39 -19.49 -23.40
N PRO A 215 -8.77 -20.37 -24.33
CA PRO A 215 -9.70 -21.44 -23.98
C PRO A 215 -9.04 -22.35 -22.97
N THR A 216 -9.83 -22.84 -22.03
CA THR A 216 -9.30 -23.70 -20.98
C THR A 216 -9.43 -25.16 -21.39
N GLY A 217 -8.40 -25.96 -21.06
CA GLY A 217 -8.45 -27.39 -21.29
C GLY A 217 -7.78 -28.16 -20.17
N VAL A 218 -7.88 -29.49 -20.23
CA VAL A 218 -7.23 -30.34 -19.22
C VAL A 218 -6.56 -31.51 -19.93
N TYR A 219 -5.42 -31.93 -19.41
CA TYR A 219 -4.71 -33.04 -20.04
C TYR A 219 -5.44 -34.34 -19.72
N LYS A 220 -5.50 -35.22 -20.72
CA LYS A 220 -6.08 -36.57 -20.61
C LYS A 220 -5.16 -37.48 -21.39
N THR A 221 -5.30 -38.81 -21.18
CA THR A 221 -4.58 -39.75 -22.03
C THR A 221 -5.60 -40.61 -22.77
N SER A 222 -5.27 -40.96 -23.99
CA SER A 222 -6.13 -41.78 -24.82
C SER A 222 -6.00 -43.23 -24.40
N ASP A 223 -6.85 -44.09 -24.96
CA ASP A 223 -6.80 -45.52 -24.66
C ASP A 223 -5.46 -46.13 -25.05
N SER A 224 -4.69 -45.49 -25.92
CA SER A 224 -3.35 -45.94 -26.29
C SER A 224 -2.25 -45.22 -25.53
N GLY A 225 -2.62 -44.34 -24.61
CA GLY A 225 -1.64 -43.69 -23.77
C GLY A 225 -1.09 -42.38 -24.28
N GLN A 226 -1.59 -41.85 -25.40
CA GLN A 226 -1.10 -40.57 -25.90
C GLN A 226 -1.80 -39.44 -25.17
N PHE A 227 -1.02 -38.43 -24.77
CA PHE A 227 -1.64 -37.28 -24.14
C PHE A 227 -2.39 -36.43 -25.15
N TYR A 228 -3.46 -35.78 -24.68
CA TYR A 228 -4.18 -34.80 -25.47
C TYR A 228 -4.84 -33.81 -24.51
N ILE A 229 -5.36 -32.74 -25.09
CA ILE A 229 -6.03 -31.69 -24.35
C ILE A 229 -7.52 -31.80 -24.60
N GLU A 230 -8.29 -31.88 -23.52
N GLU A 230 -8.28 -31.83 -23.51
CA GLU A 230 -9.74 -31.88 -23.61
CA GLU A 230 -9.73 -31.86 -23.59
C GLU A 230 -10.25 -30.50 -23.23
C GLU A 230 -10.25 -30.49 -23.23
N PRO A 231 -10.92 -29.79 -24.14
CA PRO A 231 -11.45 -28.48 -23.78
C PRO A 231 -12.48 -28.58 -22.67
N LEU A 232 -12.43 -27.62 -21.75
CA LEU A 232 -13.47 -27.53 -20.74
C LEU A 232 -14.61 -26.68 -21.30
N ARG A 233 -15.84 -27.11 -21.04
CA ARG A 233 -16.99 -26.40 -21.57
C ARG A 233 -18.07 -26.33 -20.49
N ASP A 234 -18.90 -25.29 -20.57
CA ASP A 234 -20.09 -25.21 -19.75
C ASP A 234 -21.15 -26.18 -20.25
N GLU A 235 -22.23 -26.32 -19.48
CA GLU A 235 -23.32 -27.20 -19.88
C GLU A 235 -23.91 -26.77 -21.23
N GLU A 236 -23.93 -25.46 -21.51
CA GLU A 236 -24.43 -24.96 -22.79
C GLU A 236 -23.52 -25.34 -23.97
N GLY A 237 -22.31 -25.82 -23.70
CA GLY A 237 -21.37 -26.17 -24.75
C GLY A 237 -20.40 -25.07 -25.12
N SER A 238 -20.43 -23.93 -24.44
CA SER A 238 -19.52 -22.84 -24.75
C SER A 238 -18.18 -23.05 -24.05
N ASP A 239 -17.11 -22.68 -24.73
CA ASP A 239 -15.78 -22.78 -24.18
C ASP A 239 -15.66 -21.98 -22.88
N GLN A 240 -14.87 -22.51 -21.94
CA GLN A 240 -14.49 -21.77 -20.76
C GLN A 240 -13.13 -21.12 -21.03
N PHE A 241 -12.94 -19.91 -20.53
CA PHE A 241 -11.74 -19.15 -20.84
C PHE A 241 -11.02 -18.71 -19.58
N THR A 242 -9.69 -18.60 -19.70
CA THR A 242 -8.80 -18.19 -18.61
C THR A 242 -7.90 -17.08 -19.10
N GLU A 243 -7.82 -15.98 -18.33
CA GLU A 243 -6.77 -15.01 -18.59
C GLU A 243 -5.43 -15.49 -18.04
N TRP A 244 -4.37 -15.35 -18.82
CA TRP A 244 -3.08 -15.90 -18.41
C TRP A 244 -1.95 -15.07 -19.00
N VAL A 245 -0.83 -15.01 -18.27
CA VAL A 245 0.37 -14.34 -18.77
C VAL A 245 0.88 -15.07 -19.99
N SER A 246 1.17 -14.31 -21.05
CA SER A 246 1.54 -14.93 -22.33
C SER A 246 3.03 -15.09 -22.54
N VAL A 247 3.89 -14.40 -21.77
CA VAL A 247 5.32 -14.38 -22.04
C VAL A 247 5.99 -15.53 -21.30
N ASP A 248 7.05 -16.08 -21.92
CA ASP A 248 7.94 -17.03 -21.26
C ASP A 248 9.13 -16.28 -20.72
N PRO A 249 9.22 -16.05 -19.40
CA PRO A 249 10.30 -15.17 -18.91
C PRO A 249 11.69 -15.79 -19.05
N LEU A 250 11.77 -17.11 -19.30
CA LEU A 250 13.06 -17.75 -19.49
C LEU A 250 13.63 -17.51 -20.89
N SER A 251 12.78 -17.18 -21.85
CA SER A 251 13.24 -16.88 -23.21
C SER A 251 12.22 -15.98 -23.87
N PRO A 252 12.14 -14.71 -23.48
CA PRO A 252 11.01 -13.87 -23.93
C PRO A 252 11.13 -13.48 -25.39
N ASP A 253 9.98 -13.48 -26.07
CA ASP A 253 9.91 -13.08 -27.48
C ASP A 253 9.62 -11.59 -27.52
N LEU A 254 10.67 -10.79 -27.61
CA LEU A 254 10.51 -9.34 -27.54
C LEU A 254 9.94 -8.76 -28.81
N ALA A 255 10.00 -9.50 -29.93
CA ALA A 255 9.34 -9.02 -31.15
C ALA A 255 7.83 -9.12 -31.03
N LYS A 256 7.33 -10.20 -30.43
CA LYS A 256 5.90 -10.34 -30.18
C LYS A 256 5.45 -9.46 -29.01
N TYR A 257 6.28 -9.32 -27.99
CA TYR A 257 5.91 -8.61 -26.75
C TYR A 257 6.96 -7.55 -26.45
N PRO A 258 7.01 -6.50 -27.26
CA PRO A 258 8.02 -5.45 -27.02
C PRO A 258 7.86 -4.77 -25.68
N GLU A 259 6.65 -4.68 -25.15
CA GLU A 259 6.46 -4.03 -23.85
C GLU A 259 7.22 -4.75 -22.74
N TYR A 260 7.49 -6.05 -22.92
CA TYR A 260 8.19 -6.78 -21.86
C TYR A 260 9.63 -6.33 -21.71
N ALA A 261 10.18 -5.59 -22.69
CA ALA A 261 11.52 -5.04 -22.52
C ALA A 261 11.57 -4.05 -21.35
N ARG A 262 10.42 -3.47 -20.99
N ARG A 262 10.45 -3.42 -20.99
CA ARG A 262 10.32 -2.49 -19.92
CA ARG A 262 10.49 -2.49 -19.87
C ARG A 262 10.13 -3.13 -18.55
C ARG A 262 10.35 -3.19 -18.52
N ALA A 263 9.83 -4.41 -18.50
CA ALA A 263 9.76 -5.16 -17.26
C ALA A 263 11.16 -5.36 -16.70
N LYS A 264 11.24 -5.46 -15.37
CA LYS A 264 12.51 -5.67 -14.67
C LYS A 264 12.38 -6.88 -13.77
N PRO A 265 12.44 -8.06 -14.35
CA PRO A 265 12.21 -9.29 -13.55
C PRO A 265 13.37 -9.51 -12.62
N LEU A 266 13.07 -10.04 -11.46
CA LEU A 266 14.04 -10.29 -10.40
C LEU A 266 14.22 -11.79 -10.29
N LYS A 267 15.45 -12.24 -10.09
CA LYS A 267 15.71 -13.69 -9.98
C LYS A 267 16.19 -13.95 -8.55
N VAL A 268 15.64 -14.97 -7.92
CA VAL A 268 16.11 -15.39 -6.61
C VAL A 268 16.06 -16.91 -6.51
N ARG A 269 17.14 -17.48 -5.98
CA ARG A 269 17.19 -18.92 -5.70
C ARG A 269 17.02 -19.08 -4.19
N VAL A 270 16.20 -20.02 -3.82
CA VAL A 270 15.83 -20.31 -2.44
C VAL A 270 16.32 -21.73 -2.14
N HIS A 271 17.24 -21.86 -1.19
N HIS A 271 17.19 -21.86 -1.16
CA HIS A 271 17.84 -23.14 -0.83
CA HIS A 271 17.81 -23.12 -0.81
C HIS A 271 17.17 -23.67 0.44
C HIS A 271 17.16 -23.68 0.45
N ALA A 272 17.49 -24.92 0.78
CA ALA A 272 16.94 -25.54 1.97
C ALA A 272 17.27 -24.74 3.23
N GLY A 273 16.24 -24.43 3.98
CA GLY A 273 16.32 -23.66 5.20
C GLY A 273 16.14 -22.19 5.00
N ASP A 274 16.08 -21.74 3.75
CA ASP A 274 15.78 -20.34 3.45
C ASP A 274 14.28 -20.13 3.42
N ILE A 275 13.88 -18.88 3.69
CA ILE A 275 12.49 -18.46 3.60
C ILE A 275 12.37 -17.36 2.56
N LEU A 276 11.35 -17.44 1.70
CA LEU A 276 11.04 -16.37 0.79
C LEU A 276 9.66 -15.84 1.16
N TYR A 277 9.56 -14.53 1.40
CA TYR A 277 8.26 -13.85 1.45
C TYR A 277 7.98 -13.33 0.04
N LEU A 278 6.91 -13.85 -0.53
CA LEU A 278 6.39 -13.48 -1.85
C LEU A 278 5.12 -12.70 -1.67
N PRO A 279 5.16 -11.35 -1.75
CA PRO A 279 3.97 -10.58 -1.36
C PRO A 279 2.83 -10.73 -2.33
N ASN A 280 1.65 -10.39 -1.84
CA ASN A 280 0.44 -10.56 -2.62
C ASN A 280 0.52 -9.84 -3.96
N TYR A 281 -0.01 -10.50 -4.99
CA TYR A 281 -0.16 -9.96 -6.34
C TYR A 281 1.14 -9.85 -7.10
N TRP A 282 2.29 -10.30 -6.56
CA TRP A 282 3.50 -10.33 -7.35
C TRP A 282 3.46 -11.46 -8.36
N PHE A 283 3.85 -11.17 -9.60
CA PHE A 283 3.99 -12.25 -10.59
C PHE A 283 5.18 -13.14 -10.24
N HIS A 284 5.01 -14.46 -10.39
CA HIS A 284 6.12 -15.34 -10.08
C HIS A 284 6.04 -16.55 -11.03
N HIS A 285 7.21 -16.91 -11.55
CA HIS A 285 7.49 -18.13 -12.34
C HIS A 285 8.50 -18.94 -11.58
N VAL A 286 8.33 -20.27 -11.52
CA VAL A 286 9.12 -21.05 -10.57
C VAL A 286 9.64 -22.29 -11.25
N SER A 287 10.93 -22.55 -11.09
CA SER A 287 11.55 -23.81 -11.50
C SER A 287 12.20 -24.46 -10.28
N GLN A 288 12.60 -25.73 -10.40
CA GLN A 288 13.10 -26.41 -9.20
C GLN A 288 14.18 -27.42 -9.55
N SER A 289 14.99 -27.76 -8.57
CA SER A 289 15.93 -28.88 -8.69
C SER A 289 15.15 -30.20 -8.66
N HIS A 290 15.79 -31.29 -9.07
CA HIS A 290 15.04 -32.51 -9.20
C HIS A 290 14.67 -33.09 -7.83
N LYS A 291 13.37 -33.38 -7.63
CA LYS A 291 12.82 -33.88 -6.39
C LYS A 291 13.02 -32.88 -5.25
N CYS A 292 13.02 -31.59 -5.62
CA CYS A 292 12.95 -30.52 -4.62
C CYS A 292 11.70 -30.73 -3.75
N ILE A 293 11.85 -30.55 -2.44
CA ILE A 293 10.74 -30.55 -1.50
C ILE A 293 10.60 -29.17 -0.88
N ALA A 294 9.38 -28.64 -0.87
CA ALA A 294 9.13 -27.35 -0.24
C ALA A 294 7.76 -27.36 0.46
N VAL A 295 7.58 -26.44 1.41
N VAL A 295 7.59 -26.41 1.38
CA VAL A 295 6.29 -26.23 2.03
CA VAL A 295 6.32 -26.18 2.06
C VAL A 295 6.04 -24.73 2.02
C VAL A 295 6.06 -24.70 1.88
N ASN A 296 4.79 -24.32 1.77
CA ASN A 296 4.51 -22.90 1.83
C ASN A 296 3.18 -22.65 2.54
N PHE A 297 3.08 -21.44 3.04
CA PHE A 297 1.97 -21.00 3.86
C PHE A 297 1.34 -19.80 3.14
N TRP A 298 0.05 -19.87 2.89
N TRP A 298 0.04 -19.96 2.86
CA TRP A 298 -0.70 -18.78 2.26
CA TRP A 298 -0.81 -18.86 2.40
C TRP A 298 -1.61 -18.12 3.30
C TRP A 298 -1.27 -18.03 3.58
N TYR A 299 -1.62 -16.79 3.28
CA TYR A 299 -2.48 -15.98 4.13
C TYR A 299 -3.31 -15.04 3.27
N ASP A 300 -4.63 -15.03 3.50
CA ASP A 300 -5.49 -14.15 2.73
C ASP A 300 -5.03 -12.70 2.89
N LEU A 301 -5.12 -11.94 1.81
CA LEU A 301 -4.64 -10.57 1.86
C LEU A 301 -5.64 -9.66 2.58
N ASP A 302 -5.10 -8.55 3.11
CA ASP A 302 -5.89 -7.48 3.69
C ASP A 302 -5.93 -6.35 2.67
N TYR A 303 -7.13 -6.00 2.22
CA TYR A 303 -7.24 -5.08 1.11
C TYR A 303 -6.97 -3.63 1.54
N ASP A 304 -6.33 -2.88 0.66
CA ASP A 304 -6.19 -1.43 0.82
C ASP A 304 -6.18 -0.83 -0.57
N SER A 305 -5.79 0.44 -0.68
CA SER A 305 -5.98 1.05 -1.97
C SER A 305 -5.10 0.48 -3.08
N ARG A 306 -4.01 -0.22 -2.74
N ARG A 306 -4.01 -0.20 -2.74
CA ARG A 306 -3.19 -0.79 -3.82
CA ARG A 306 -3.19 -0.80 -3.79
C ARG A 306 -3.97 -1.78 -4.67
C ARG A 306 -4.00 -1.74 -4.67
N TYR A 307 -4.88 -2.53 -4.06
CA TYR A 307 -5.74 -3.42 -4.86
C TYR A 307 -6.61 -2.61 -5.82
N CYS A 308 -7.17 -1.50 -5.35
CA CYS A 308 -8.01 -0.66 -6.22
C CYS A 308 -7.20 -0.09 -7.36
N TYR A 309 -5.99 0.41 -7.09
CA TYR A 309 -5.12 0.87 -8.16
C TYR A 309 -4.78 -0.25 -9.13
N TYR A 310 -4.55 -1.47 -8.64
CA TYR A 310 -4.23 -2.56 -9.54
C TYR A 310 -5.39 -2.88 -10.46
N ARG A 311 -6.62 -2.88 -9.92
CA ARG A 311 -7.82 -3.04 -10.76
C ARG A 311 -7.91 -1.94 -11.80
N MET A 312 -7.61 -0.70 -11.42
CA MET A 312 -7.56 0.37 -12.40
C MET A 312 -6.53 0.07 -13.50
N LEU A 313 -5.35 -0.40 -13.11
CA LEU A 313 -4.29 -0.71 -14.07
C LEU A 313 -4.71 -1.83 -15.00
N GLU A 314 -5.45 -2.81 -14.48
CA GLU A 314 -6.00 -3.84 -15.36
C GLU A 314 -6.91 -3.23 -16.39
N GLN A 315 -7.77 -2.30 -15.96
N GLN A 315 -7.80 -2.33 -15.97
CA GLN A 315 -8.67 -1.63 -16.91
CA GLN A 315 -8.66 -1.64 -16.93
C GLN A 315 -7.89 -0.85 -17.95
C GLN A 315 -7.82 -0.93 -17.98
N MET A 316 -6.82 -0.18 -17.54
CA MET A 316 -6.04 0.67 -18.45
C MET A 316 -5.24 -0.16 -19.44
N THR A 317 -4.97 -1.42 -19.12
CA THR A 317 -4.21 -2.29 -20.01
C THR A 317 -5.07 -3.36 -20.71
N SER A 318 -6.38 -3.27 -20.56
CA SER A 318 -7.31 -4.23 -21.14
C SER A 318 -7.36 -4.07 -22.66
N ALA A 319 -7.94 -5.08 -23.31
CA ALA A 319 -8.13 -5.04 -24.75
C ALA A 319 -9.45 -4.34 -25.10
N ALA B 5 -15.28 9.05 -26.13
CA ALA B 5 -16.51 8.19 -26.19
C ALA B 5 -17.57 8.81 -25.28
N SER B 6 -18.60 8.05 -24.93
CA SER B 6 -19.43 8.42 -23.79
C SER B 6 -18.55 8.71 -22.58
N MET B 7 -17.44 7.97 -22.44
CA MET B 7 -16.39 8.30 -21.48
C MET B 7 -15.01 8.05 -22.06
N SER B 8 -14.10 9.00 -21.83
CA SER B 8 -12.70 8.84 -22.12
C SER B 8 -12.20 7.51 -21.57
N GLU B 9 -11.08 7.03 -22.14
CA GLU B 9 -10.37 5.89 -21.55
C GLU B 9 -9.94 6.20 -20.11
N VAL B 10 -9.39 7.41 -19.89
CA VAL B 10 -9.00 7.81 -18.54
C VAL B 10 -10.22 7.83 -17.62
N GLU B 11 -11.35 8.37 -18.08
CA GLU B 11 -12.52 8.41 -17.22
C GLU B 11 -13.02 7.00 -16.86
N ARG B 12 -12.96 6.06 -17.81
N ARG B 12 -12.96 6.06 -17.81
CA ARG B 12 -13.33 4.68 -17.48
CA ARG B 12 -13.34 4.69 -17.47
C ARG B 12 -12.38 4.08 -16.45
C ARG B 12 -12.38 4.09 -16.44
N ALA B 13 -11.09 4.39 -16.55
CA ALA B 13 -10.12 3.89 -15.58
C ALA B 13 -10.40 4.46 -14.19
N LEU B 14 -10.70 5.77 -14.12
CA LEU B 14 -10.99 6.36 -12.82
C LEU B 14 -12.26 5.78 -12.24
N ASP B 15 -13.26 5.54 -13.09
CA ASP B 15 -14.50 4.95 -12.59
C ASP B 15 -14.27 3.56 -12.03
N VAL B 16 -13.38 2.77 -12.63
CA VAL B 16 -13.07 1.47 -12.02
C VAL B 16 -12.40 1.64 -10.66
N LEU B 17 -11.42 2.54 -10.55
CA LEU B 17 -10.80 2.80 -9.27
C LEU B 17 -11.85 3.12 -8.20
N LEU B 18 -12.72 4.07 -8.50
CA LEU B 18 -13.70 4.50 -7.50
C LEU B 18 -14.69 3.40 -7.17
N GLN B 19 -15.12 2.61 -8.17
CA GLN B 19 -16.07 1.53 -7.90
C GLN B 19 -15.46 0.47 -6.99
N GLU B 20 -14.22 0.08 -7.25
CA GLU B 20 -13.57 -0.92 -6.41
C GLU B 20 -13.33 -0.41 -5.00
N ALA B 21 -12.93 0.88 -4.88
CA ALA B 21 -12.71 1.43 -3.55
C ALA B 21 -14.03 1.59 -2.78
N GLU B 22 -15.13 1.90 -3.50
CA GLU B 22 -16.44 1.99 -2.86
C GLU B 22 -16.91 0.64 -2.34
N GLU B 23 -16.75 -0.40 -3.16
CA GLU B 23 -17.19 -1.73 -2.74
C GLU B 23 -16.41 -2.18 -1.51
N LEU B 24 -15.12 -1.84 -1.46
CA LEU B 24 -14.29 -2.23 -0.32
C LEU B 24 -14.32 -1.23 0.80
N CYS B 25 -14.95 -0.07 0.57
CA CYS B 25 -15.08 1.03 1.55
C CYS B 25 -13.69 1.46 2.02
N ILE B 26 -12.74 1.60 1.10
CA ILE B 26 -11.40 2.07 1.46
C ILE B 26 -11.51 3.45 2.07
N GLY B 27 -10.88 3.62 3.22
CA GLY B 27 -10.87 4.94 3.85
C GLY B 27 -12.24 5.47 4.19
N SER B 28 -13.14 4.60 4.65
CA SER B 28 -14.51 4.99 4.87
C SER B 28 -14.77 5.49 6.29
N SER B 29 -13.84 5.28 7.22
CA SER B 29 -14.06 5.79 8.57
C SER B 29 -12.73 6.01 9.25
N VAL B 30 -12.70 6.98 10.17
CA VAL B 30 -11.55 7.15 11.05
C VAL B 30 -11.72 6.21 12.22
N VAL B 31 -10.81 5.25 12.37
CA VAL B 31 -10.88 4.26 13.44
C VAL B 31 -10.77 4.99 14.78
N GLU B 32 -11.55 4.57 15.76
CA GLU B 32 -11.52 5.21 17.05
C GLU B 32 -11.00 4.22 18.07
N LEU B 33 -9.90 4.57 18.73
CA LEU B 33 -9.37 3.76 19.82
C LEU B 33 -9.44 4.48 21.16
N ASP B 34 -9.58 3.68 22.21
CA ASP B 34 -9.57 4.21 23.58
C ASP B 34 -8.25 3.92 24.28
N ARG B 35 -7.34 3.21 23.64
CA ARG B 35 -6.05 2.89 24.21
C ARG B 35 -4.99 3.01 23.13
N ILE B 36 -3.81 3.45 23.53
CA ILE B 36 -2.71 3.54 22.57
C ILE B 36 -2.37 2.12 22.08
N PRO B 37 -2.23 1.93 20.79
CA PRO B 37 -1.86 0.60 20.28
C PRO B 37 -0.37 0.31 20.47
N THR B 38 -0.03 -0.98 20.39
CA THR B 38 1.39 -1.30 20.35
C THR B 38 1.99 -0.79 19.03
N ALA B 39 3.32 -0.73 18.96
CA ALA B 39 3.97 -0.32 17.71
C ALA B 39 3.62 -1.25 16.55
N LEU B 40 3.61 -2.57 16.79
CA LEU B 40 3.26 -3.51 15.73
C LEU B 40 1.83 -3.31 15.28
N GLU B 41 0.92 -3.11 16.24
CA GLU B 41 -0.46 -2.86 15.87
C GLU B 41 -0.60 -1.60 15.02
N PHE B 42 0.10 -0.52 15.39
CA PHE B 42 0.01 0.69 14.61
C PHE B 42 0.52 0.48 13.21
N CYS B 43 1.64 -0.24 13.08
CA CYS B 43 2.23 -0.47 11.77
C CYS B 43 1.29 -1.31 10.90
N ARG B 44 0.75 -2.36 11.47
CA ARG B 44 -0.08 -3.29 10.71
C ARG B 44 -1.42 -2.69 10.33
N GLU B 45 -2.08 -2.02 11.27
CA GLU B 45 -3.46 -1.61 11.07
C GLU B 45 -3.59 -0.22 10.47
N PHE B 46 -2.62 0.67 10.66
CA PHE B 46 -2.83 2.08 10.30
C PHE B 46 -1.78 2.56 9.32
N TYR B 47 -0.50 2.48 9.66
CA TYR B 47 0.56 2.85 8.75
C TYR B 47 0.50 2.08 7.44
N SER B 48 0.49 0.75 7.50
CA SER B 48 0.56 -0.04 6.29
C SER B 48 -0.66 0.10 5.41
N LYS B 49 -1.77 0.54 5.97
CA LYS B 49 -3.01 0.71 5.24
C LYS B 49 -3.30 2.16 4.89
N ASN B 50 -2.40 3.09 5.21
CA ASN B 50 -2.61 4.53 4.92
C ASN B 50 -3.97 4.96 5.51
N GLN B 51 -4.20 4.55 6.74
CA GLN B 51 -5.50 4.56 7.40
C GLN B 51 -5.50 5.48 8.62
N PRO B 52 -6.34 6.51 8.64
CA PRO B 52 -6.39 7.37 9.83
C PRO B 52 -7.01 6.70 11.05
N VAL B 53 -6.54 7.14 12.22
CA VAL B 53 -7.02 6.68 13.53
C VAL B 53 -6.96 7.84 14.49
N VAL B 54 -7.95 7.89 15.37
CA VAL B 54 -7.97 8.85 16.47
C VAL B 54 -7.93 8.04 17.77
N ILE B 55 -7.03 8.42 18.66
CA ILE B 55 -6.86 7.78 19.95
C ILE B 55 -7.34 8.75 21.02
N ARG B 56 -8.36 8.35 21.74
CA ARG B 56 -9.02 9.25 22.69
C ARG B 56 -8.30 9.23 24.03
N LYS B 57 -8.10 10.43 24.58
CA LYS B 57 -7.49 10.60 25.91
C LYS B 57 -6.21 9.81 26.00
N ALA B 58 -5.41 9.91 24.96
CA ALA B 58 -4.16 9.15 24.85
C ALA B 58 -3.06 9.75 25.68
N LEU B 59 -3.02 11.08 25.79
CA LEU B 59 -1.85 11.75 26.34
C LEU B 59 -2.18 12.42 27.67
N ASN B 60 -1.23 12.33 28.60
CA ASN B 60 -1.34 12.98 29.91
C ASN B 60 -0.24 14.02 30.13
N TRP B 61 0.25 14.60 29.05
CA TRP B 61 1.28 15.62 29.10
C TRP B 61 0.87 16.75 30.02
N PRO B 62 1.77 17.24 30.87
CA PRO B 62 1.39 18.39 31.71
C PRO B 62 0.90 19.57 30.90
N ALA B 63 1.35 19.75 29.66
CA ALA B 63 0.87 20.86 28.85
C ALA B 63 -0.65 20.87 28.77
N ILE B 64 -1.26 19.69 28.68
CA ILE B 64 -2.71 19.58 28.62
C ILE B 64 -3.28 20.01 29.97
N GLY B 65 -3.65 21.28 30.05
CA GLY B 65 -3.98 21.85 31.36
C GLY B 65 -3.13 23.04 31.76
N LYS B 66 -1.80 22.91 31.75
CA LYS B 66 -0.98 24.06 32.12
C LYS B 66 -1.01 25.14 31.04
N TRP B 67 -1.10 24.77 29.75
CA TRP B 67 -0.88 25.76 28.69
C TRP B 67 -2.14 26.60 28.51
N THR B 68 -2.15 27.74 29.18
CA THR B 68 -3.07 28.86 28.99
C THR B 68 -2.31 30.01 28.38
N PRO B 69 -3.00 31.02 27.86
CA PRO B 69 -2.29 32.22 27.39
C PRO B 69 -1.33 32.78 28.43
N LYS B 70 -1.76 32.93 29.68
CA LYS B 70 -0.90 33.54 30.70
C LYS B 70 0.34 32.68 30.95
N TYR B 71 0.16 31.36 31.02
CA TYR B 71 1.30 30.50 31.26
C TYR B 71 2.29 30.60 30.11
N LEU B 72 1.79 30.61 28.87
CA LEU B 72 2.70 30.67 27.74
C LEU B 72 3.45 32.00 27.73
N ILE B 73 2.74 33.08 28.06
CA ILE B 73 3.39 34.40 28.11
C ILE B 73 4.51 34.40 29.14
N GLU B 74 4.28 33.84 30.33
CA GLU B 74 5.35 33.73 31.30
C GLU B 74 6.50 32.86 30.77
N ALA B 75 6.18 31.65 30.30
CA ALA B 75 7.22 30.67 29.98
C ALA B 75 8.14 31.17 28.88
N LEU B 76 7.63 31.98 27.97
CA LEU B 76 8.38 32.42 26.81
C LEU B 76 8.99 33.81 27.00
N GLY B 77 8.80 34.41 28.17
CA GLY B 77 9.29 35.77 28.39
C GLY B 77 8.64 36.82 27.50
N ASP B 78 7.37 36.62 27.16
CA ASP B 78 6.67 37.53 26.26
C ASP B 78 7.50 37.78 25.00
N ARG B 79 8.15 36.72 24.53
CA ARG B 79 8.93 36.76 23.30
C ARG B 79 8.10 37.32 22.16
N SER B 80 8.78 37.83 21.13
CA SER B 80 8.12 38.17 19.88
C SER B 80 7.96 36.88 19.05
N VAL B 81 6.74 36.60 18.64
CA VAL B 81 6.43 35.37 17.93
C VAL B 81 5.92 35.76 16.55
N ASP B 82 6.09 34.85 15.59
CA ASP B 82 5.56 35.09 14.26
C ASP B 82 4.07 34.76 14.25
N VAL B 83 3.28 35.63 13.67
CA VAL B 83 1.84 35.46 13.63
C VAL B 83 1.37 35.73 12.21
N ALA B 84 0.38 34.96 11.78
CA ALA B 84 -0.26 35.12 10.49
C ALA B 84 -1.58 35.82 10.69
N ILE B 85 -1.88 36.78 9.83
CA ILE B 85 -3.09 37.59 9.91
C ILE B 85 -3.78 37.60 8.56
N THR B 86 -5.10 37.49 8.59
CA THR B 86 -5.94 37.60 7.40
C THR B 86 -7.18 38.39 7.76
N PRO B 87 -7.87 38.96 6.76
CA PRO B 87 -9.16 39.59 7.05
C PRO B 87 -10.32 38.63 7.17
N ASN B 88 -10.22 37.46 6.53
CA ASN B 88 -11.35 36.57 6.33
C ASN B 88 -11.19 35.25 7.07
N GLY B 89 -10.07 35.03 7.73
CA GLY B 89 -9.82 33.77 8.40
C GLY B 89 -9.27 32.67 7.53
N TYR B 90 -8.93 32.95 6.27
CA TYR B 90 -8.43 31.89 5.37
C TYR B 90 -6.99 32.18 4.94
N ALA B 91 -6.06 31.90 5.83
CA ALA B 91 -4.66 31.87 5.46
C ALA B 91 -4.41 30.66 4.57
N ASP B 92 -3.73 30.87 3.44
CA ASP B 92 -3.56 29.79 2.46
C ASP B 92 -4.92 29.31 2.00
N GLY B 93 -5.65 30.25 1.40
CA GLY B 93 -7.02 29.99 1.03
C GLY B 93 -7.42 30.94 -0.07
N LEU B 94 -8.53 30.60 -0.72
CA LEU B 94 -8.99 31.39 -1.85
C LEU B 94 -9.76 32.64 -1.40
N ALA B 95 -9.64 33.70 -2.21
CA ALA B 95 -10.34 34.96 -1.95
C ALA B 95 -10.41 35.74 -3.26
N THR B 96 -11.42 36.59 -3.38
CA THR B 96 -11.65 37.29 -4.64
C THR B 96 -11.40 38.79 -4.48
N GLN B 97 -10.81 39.40 -5.50
CA GLN B 97 -10.56 40.84 -5.52
C GLN B 97 -10.60 41.34 -6.97
N ASN B 98 -11.38 42.39 -7.19
CA ASN B 98 -11.48 42.96 -8.53
C ASN B 98 -11.94 41.90 -9.53
N GLY B 99 -12.84 41.04 -9.08
CA GLY B 99 -13.39 40.00 -9.94
C GLY B 99 -12.49 38.81 -10.20
N GLN B 100 -11.30 38.77 -9.62
CA GLN B 100 -10.36 37.66 -9.82
C GLN B 100 -10.20 36.85 -8.54
N GLU B 101 -10.21 35.53 -8.67
CA GLU B 101 -10.03 34.67 -7.51
C GLU B 101 -8.55 34.32 -7.37
N TYR B 102 -8.01 34.53 -6.19
CA TYR B 102 -6.62 34.30 -5.88
C TYR B 102 -6.48 33.24 -4.80
N PHE B 103 -5.36 32.52 -4.83
CA PHE B 103 -4.88 31.77 -3.66
C PHE B 103 -4.03 32.74 -2.83
N VAL B 104 -4.42 33.00 -1.58
CA VAL B 104 -3.80 34.07 -0.80
C VAL B 104 -3.10 33.48 0.41
N LEU B 105 -1.83 33.88 0.56
CA LEU B 105 -0.94 33.69 1.69
C LEU B 105 -1.24 34.77 2.74
N PRO B 106 -1.07 34.45 4.01
CA PRO B 106 -1.38 35.43 5.06
C PRO B 106 -0.33 36.54 5.13
N LEU B 107 -0.74 37.65 5.75
CA LEU B 107 0.21 38.64 6.21
C LEU B 107 0.98 38.03 7.37
N GLU B 108 2.30 38.03 7.28
CA GLU B 108 3.14 37.47 8.33
C GLU B 108 3.82 38.63 9.02
N THR B 109 3.68 38.68 10.35
CA THR B 109 4.40 39.70 11.12
C THR B 109 4.85 39.07 12.43
N LYS B 110 5.56 39.86 13.23
CA LYS B 110 6.02 39.44 14.53
C LYS B 110 5.40 40.36 15.58
N MET B 111 4.92 39.83 16.67
CA MET B 111 4.51 40.69 17.77
C MET B 111 4.71 39.90 19.04
N LYS B 112 4.76 40.59 20.16
CA LYS B 112 4.78 39.96 21.47
C LYS B 112 3.54 39.09 21.65
N LEU B 113 3.71 37.99 22.38
CA LEU B 113 2.61 37.07 22.59
C LEU B 113 1.48 37.74 23.34
N SER B 114 1.81 38.66 24.25
CA SER B 114 0.80 39.44 24.96
C SER B 114 -0.13 40.16 24.00
N GLU B 115 0.42 40.74 22.93
CA GLU B 115 -0.39 41.44 21.96
C GLU B 115 -1.22 40.47 21.13
N VAL B 116 -0.63 39.33 20.76
CA VAL B 116 -1.40 38.33 20.04
C VAL B 116 -2.63 37.98 20.84
N VAL B 117 -2.45 37.67 22.12
CA VAL B 117 -3.58 37.28 22.97
C VAL B 117 -4.61 38.40 23.01
N ARG B 118 -4.15 39.65 23.16
CA ARG B 118 -5.08 40.78 23.12
C ARG B 118 -5.89 40.81 21.83
N ARG B 119 -5.25 40.54 20.69
CA ARG B 119 -5.97 40.55 19.42
C ARG B 119 -6.88 39.34 19.28
N LEU B 120 -6.53 38.20 19.87
CA LEU B 120 -7.43 37.07 19.79
C LEU B 120 -8.73 37.33 20.52
N ASP B 121 -8.70 38.26 21.46
CA ASP B 121 -9.87 38.63 22.29
C ASP B 121 -10.66 39.79 21.67
N ASP B 122 -10.33 40.23 20.45
CA ASP B 122 -11.07 41.28 19.76
C ASP B 122 -11.85 40.69 18.58
N PRO B 123 -13.16 40.44 18.73
CA PRO B 123 -13.91 39.88 17.59
C PRO B 123 -14.09 40.87 16.45
N THR B 124 -13.96 42.14 16.70
CA THR B 124 -14.17 43.07 15.59
C THR B 124 -12.89 43.15 14.76
N GLY B 125 -11.66 42.66 15.15
CA GLY B 125 -10.40 42.85 14.48
C GLY B 125 -10.10 41.71 13.52
N ALA B 126 -8.94 41.83 12.87
CA ALA B 126 -8.55 40.81 11.89
C ALA B 126 -8.27 39.47 12.57
N VAL B 127 -8.17 38.39 11.76
CA VAL B 127 -8.02 37.05 12.28
C VAL B 127 -6.55 36.70 12.41
N HIS B 128 -6.13 36.29 13.63
CA HIS B 128 -4.73 36.01 13.97
C HIS B 128 -4.57 34.52 14.26
N TYR B 129 -3.50 33.91 13.80
CA TYR B 129 -3.18 32.50 14.04
C TYR B 129 -1.68 32.40 14.17
N ILE B 130 -1.21 31.83 15.28
CA ILE B 130 0.18 31.38 15.33
C ILE B 130 0.24 30.02 14.65
N GLN B 131 0.80 29.91 13.44
CA GLN B 131 0.76 28.68 12.63
C GLN B 131 1.98 28.61 11.72
N LYS B 132 3.17 28.89 12.24
CA LYS B 132 4.34 29.07 11.40
C LYS B 132 4.67 27.80 10.62
N GLN B 133 4.33 26.65 11.16
CA GLN B 133 4.75 25.36 10.57
C GLN B 133 6.29 25.40 10.48
N ASN B 134 6.90 25.08 9.32
CA ASN B 134 8.31 24.74 9.31
C ASN B 134 8.45 23.82 10.50
N SER B 135 9.30 24.14 11.48
CA SER B 135 9.36 23.31 12.68
C SER B 135 9.37 24.20 13.91
N ASN B 136 8.34 25.08 14.00
CA ASN B 136 8.43 26.28 14.83
C ASN B 136 8.42 25.98 16.33
N LEU B 137 7.94 24.81 16.78
CA LEU B 137 8.07 24.48 18.20
C LEU B 137 9.52 24.15 18.55
N SER B 138 10.18 23.29 17.77
CA SER B 138 11.56 22.92 18.09
C SER B 138 12.53 24.08 17.87
N VAL B 139 12.32 24.87 16.83
CA VAL B 139 13.27 25.92 16.48
C VAL B 139 12.96 27.22 17.19
N ASP B 140 11.69 27.65 17.25
CA ASP B 140 11.38 28.99 17.74
C ASP B 140 10.79 29.01 19.16
N LEU B 141 10.36 27.85 19.70
CA LEU B 141 9.81 27.85 21.06
C LEU B 141 10.29 26.69 21.92
N PRO B 142 11.59 26.45 22.03
CA PRO B 142 12.06 25.17 22.62
C PRO B 142 11.63 24.93 24.07
N GLU B 143 11.52 26.01 24.85
CA GLU B 143 11.14 25.97 26.29
C GLU B 143 9.84 25.17 26.54
N LEU B 144 8.99 24.99 25.53
CA LEU B 144 7.72 24.32 25.72
C LEU B 144 7.90 22.81 25.75
N ALA B 145 9.01 22.30 25.20
CA ALA B 145 9.14 20.85 25.06
C ALA B 145 9.14 20.16 26.42
N ALA B 146 9.58 20.87 27.46
CA ALA B 146 9.68 20.31 28.79
C ALA B 146 8.32 19.94 29.37
N ASP B 147 7.24 20.44 28.77
CA ASP B 147 5.88 20.14 29.20
C ASP B 147 5.26 19.04 28.36
N LEU B 148 6.00 18.47 27.44
CA LEU B 148 5.56 17.33 26.64
C LEU B 148 6.46 16.14 26.93
N ARG B 149 6.10 15.00 26.34
CA ARG B 149 6.96 13.81 26.42
C ARG B 149 6.85 13.11 25.07
N VAL B 150 7.78 13.41 24.17
CA VAL B 150 7.60 12.99 22.80
C VAL B 150 7.71 11.48 22.68
N SER B 151 8.42 10.83 23.62
CA SER B 151 8.55 9.37 23.54
C SER B 151 7.21 8.66 23.62
N ASP B 152 6.17 9.32 24.14
CA ASP B 152 4.84 8.72 24.18
C ASP B 152 4.28 8.44 22.80
N LEU B 153 4.87 9.05 21.77
CA LEU B 153 4.45 8.84 20.40
C LEU B 153 5.28 7.76 19.71
N ASP B 154 6.14 7.06 20.45
CA ASP B 154 6.97 6.02 19.86
C ASP B 154 6.14 4.93 19.20
N PHE B 155 4.92 4.69 19.68
CA PHE B 155 4.07 3.66 19.07
C PHE B 155 3.88 3.91 17.59
N ALA B 156 3.87 5.17 17.19
CA ALA B 156 3.75 5.55 15.79
C ALA B 156 5.11 5.77 15.17
N GLN B 157 6.04 6.33 15.95
N GLN B 157 6.02 6.43 15.89
CA GLN B 157 7.29 6.77 15.37
CA GLN B 157 7.31 6.80 15.31
C GLN B 157 8.12 5.60 14.90
C GLN B 157 8.11 5.59 14.87
N GLN B 158 7.92 4.45 15.54
CA GLN B 158 8.65 3.24 15.14
C GLN B 158 8.25 2.72 13.77
N SER B 159 7.03 3.04 13.28
CA SER B 159 6.68 2.70 11.90
C SER B 159 7.38 3.63 10.93
N PHE B 160 7.57 4.90 11.32
CA PHE B 160 8.22 5.83 10.41
C PHE B 160 9.73 5.66 10.45
N ASN B 161 10.25 5.25 11.60
CA ASN B 161 11.65 4.87 11.76
C ASN B 161 12.58 6.05 11.46
N LYS B 162 12.15 7.25 11.83
CA LYS B 162 12.99 8.43 11.68
C LYS B 162 12.49 9.48 12.65
N PRO B 163 13.34 10.44 13.02
CA PRO B 163 12.86 11.53 13.88
C PRO B 163 11.90 12.41 13.11
N PRO B 164 11.07 13.19 13.80
CA PRO B 164 10.21 14.14 13.08
C PRO B 164 11.03 15.08 12.22
N ASP B 165 10.49 15.40 11.05
CA ASP B 165 11.11 16.42 10.22
C ASP B 165 10.65 17.80 10.66
N ALA B 166 9.51 17.85 11.35
CA ALA B 166 9.07 19.13 11.91
C ALA B 166 8.19 18.88 13.12
N VAL B 167 8.23 19.81 14.06
CA VAL B 167 7.31 19.85 15.20
C VAL B 167 6.70 21.23 15.26
N ASN B 168 5.39 21.31 15.08
CA ASN B 168 4.74 22.61 14.92
C ASN B 168 3.82 22.86 16.11
N PHE B 169 3.71 24.15 16.45
CA PHE B 169 2.84 24.66 17.50
C PHE B 169 1.79 25.56 16.83
N TRP B 170 0.54 25.39 17.23
CA TRP B 170 -0.62 26.06 16.62
C TRP B 170 -1.45 26.67 17.75
N LEU B 171 -1.76 27.97 17.65
CA LEU B 171 -2.65 28.65 18.58
C LEU B 171 -3.45 29.71 17.81
N GLY B 172 -4.79 29.61 17.80
CA GLY B 172 -5.54 30.32 16.79
C GLY B 172 -6.89 30.84 17.25
N ASP B 173 -7.39 31.81 16.47
CA ASP B 173 -8.76 32.30 16.55
C ASP B 173 -9.71 31.22 16.04
N GLU B 174 -10.91 31.14 16.65
CA GLU B 174 -11.95 30.24 16.12
C GLU B 174 -12.35 30.61 14.69
N ARG B 175 -12.08 31.84 14.28
CA ARG B 175 -12.37 32.26 12.91
C ARG B 175 -11.34 31.76 11.91
N ALA B 176 -10.21 31.25 12.36
CA ALA B 176 -9.13 30.84 11.45
C ALA B 176 -9.41 29.42 10.97
N VAL B 177 -9.59 29.29 9.67
CA VAL B 177 -9.89 27.99 9.05
C VAL B 177 -8.78 27.62 8.09
N THR B 178 -8.41 26.35 8.09
CA THR B 178 -7.38 25.84 7.18
C THR B 178 -8.08 25.12 6.04
N SER B 179 -8.06 25.75 4.86
CA SER B 179 -8.74 25.20 3.69
C SER B 179 -8.15 23.84 3.31
N MET B 180 -8.92 23.11 2.52
N MET B 180 -8.92 23.10 2.53
CA MET B 180 -8.58 21.73 2.23
CA MET B 180 -8.59 21.72 2.19
C MET B 180 -7.30 21.63 1.41
C MET B 180 -7.29 21.64 1.40
N HIS B 181 -6.39 20.76 1.84
CA HIS B 181 -5.09 20.57 1.23
C HIS B 181 -4.54 19.21 1.64
N LYS B 182 -3.45 18.81 1.01
CA LYS B 182 -2.77 17.56 1.35
CA LYS B 182 -2.77 17.56 1.34
C LYS B 182 -1.29 17.83 1.60
N ASP B 183 -0.67 16.99 2.43
CA ASP B 183 0.75 17.08 2.73
C ASP B 183 1.50 15.78 2.43
N PRO B 184 2.76 15.87 1.98
CA PRO B 184 3.60 14.70 1.72
C PRO B 184 4.32 14.20 2.98
N TYR B 185 3.61 14.09 4.08
N TYR B 185 3.60 14.18 4.10
CA TYR B 185 4.24 13.43 5.20
CA TYR B 185 4.11 13.76 5.40
C TYR B 185 3.19 12.85 6.12
C TYR B 185 3.13 12.84 6.10
N GLU B 186 3.67 11.96 6.97
CA GLU B 186 2.88 11.33 8.01
C GLU B 186 2.69 12.34 9.14
N ASN B 187 1.46 12.51 9.63
CA ASN B 187 1.21 13.57 10.62
C ASN B 187 0.63 12.95 11.87
N VAL B 188 1.27 13.20 13.00
CA VAL B 188 0.75 12.82 14.29
C VAL B 188 0.35 14.12 14.98
N TYR B 189 -0.97 14.31 15.18
CA TYR B 189 -1.56 15.59 15.55
C TYR B 189 -2.10 15.51 16.98
N CYS B 190 -1.64 16.38 17.86
CA CYS B 190 -1.94 16.26 19.27
C CYS B 190 -2.59 17.55 19.76
N VAL B 191 -3.86 17.48 20.12
CA VAL B 191 -4.55 18.68 20.62
C VAL B 191 -4.26 18.88 22.10
N ILE B 192 -3.90 20.10 22.48
CA ILE B 192 -3.49 20.42 23.85
C ILE B 192 -4.60 21.10 24.62
N SER B 193 -5.31 22.01 23.97
CA SER B 193 -6.38 22.75 24.59
C SER B 193 -7.48 22.95 23.56
N GLY B 194 -8.72 22.77 23.96
CA GLY B 194 -9.81 23.06 23.04
C GLY B 194 -10.07 21.87 22.15
N HIS B 195 -10.54 22.13 20.92
CA HIS B 195 -10.72 21.04 19.97
C HIS B 195 -10.56 21.52 18.54
N LYS B 196 -10.24 20.55 17.67
CA LYS B 196 -10.08 20.76 16.24
C LYS B 196 -11.06 19.87 15.51
N ASP B 197 -11.69 20.40 14.48
CA ASP B 197 -12.61 19.66 13.64
C ASP B 197 -11.97 19.47 12.27
N PHE B 198 -11.82 18.20 11.86
CA PHE B 198 -11.17 17.83 10.62
C PHE B 198 -12.24 17.29 9.67
N VAL B 199 -12.14 17.70 8.40
CA VAL B 199 -12.80 16.99 7.29
C VAL B 199 -11.70 16.34 6.46
N LEU B 200 -11.84 15.01 6.24
CA LEU B 200 -10.76 14.24 5.65
C LEU B 200 -11.26 13.55 4.40
N ILE B 201 -10.47 13.53 3.33
CA ILE B 201 -10.86 12.78 2.12
C ILE B 201 -9.69 11.90 1.72
N PRO B 202 -9.92 10.61 1.36
CA PRO B 202 -8.77 9.75 1.09
C PRO B 202 -8.12 10.10 -0.20
N PRO B 203 -6.82 9.81 -0.37
CA PRO B 203 -6.11 10.14 -1.59
C PRO B 203 -6.72 9.58 -2.86
N HIS B 204 -7.27 8.34 -2.82
CA HIS B 204 -7.76 7.75 -4.05
C HIS B 204 -9.03 8.41 -4.56
N GLN B 205 -9.63 9.35 -3.79
CA GLN B 205 -10.78 10.12 -4.25
C GLN B 205 -10.35 11.44 -4.89
N LEU B 206 -9.09 11.52 -5.36
CA LEU B 206 -8.59 12.78 -5.92
C LEU B 206 -9.44 13.27 -7.09
N SER B 207 -9.93 12.36 -7.94
CA SER B 207 -10.73 12.76 -9.10
C SER B 207 -12.07 13.38 -8.70
N CYS B 208 -12.51 13.20 -7.46
CA CYS B 208 -13.77 13.76 -7.00
C CYS B 208 -13.60 15.15 -6.39
N VAL B 209 -12.36 15.56 -6.14
CA VAL B 209 -12.08 16.81 -5.44
C VAL B 209 -11.68 17.83 -6.49
N PRO B 210 -12.48 18.87 -6.76
CA PRO B 210 -12.12 19.80 -7.81
C PRO B 210 -10.93 20.65 -7.39
N ARG B 211 -10.01 20.84 -8.34
N ARG B 211 -10.01 20.85 -8.34
CA ARG B 211 -8.83 21.68 -8.14
CA ARG B 211 -8.85 21.69 -8.12
C ARG B 211 -8.70 22.67 -9.29
C ARG B 211 -8.71 22.66 -9.28
N GLY B 212 -8.23 23.88 -8.97
CA GLY B 212 -8.01 24.89 -9.97
C GLY B 212 -6.59 25.43 -9.90
N ILE B 213 -6.25 26.24 -10.88
CA ILE B 213 -4.98 26.95 -10.93
C ILE B 213 -5.30 28.43 -10.74
N TYR B 214 -4.84 29.00 -9.65
CA TYR B 214 -5.15 30.37 -9.28
C TYR B 214 -3.89 31.23 -9.25
N PRO B 215 -4.00 32.50 -9.62
CA PRO B 215 -2.90 33.43 -9.32
C PRO B 215 -2.66 33.49 -7.82
N THR B 216 -1.38 33.55 -7.45
CA THR B 216 -0.99 33.67 -6.05
C THR B 216 -0.96 35.14 -5.61
N GLY B 217 -1.45 35.39 -4.39
CA GLY B 217 -1.35 36.70 -3.81
C GLY B 217 -1.01 36.59 -2.34
N VAL B 218 -0.75 37.76 -1.74
CA VAL B 218 -0.47 37.83 -0.32
C VAL B 218 -1.25 38.99 0.29
N TYR B 219 -1.74 38.81 1.50
CA TYR B 219 -2.44 39.92 2.16
C TYR B 219 -1.45 40.99 2.60
N LYS B 220 -1.86 42.26 2.42
CA LYS B 220 -1.12 43.44 2.86
C LYS B 220 -2.13 44.39 3.46
N THR B 221 -1.65 45.35 4.26
CA THR B 221 -2.53 46.38 4.79
C THR B 221 -2.33 47.71 4.06
N SER B 222 -3.42 48.44 3.94
CA SER B 222 -3.38 49.75 3.32
C SER B 222 -2.85 50.78 4.29
N ASP B 223 -2.88 52.05 3.81
CA ASP B 223 -2.56 53.22 4.60
C ASP B 223 -3.37 53.27 5.90
N SER B 224 -4.60 52.79 5.85
CA SER B 224 -5.55 52.91 6.95
C SER B 224 -5.69 51.61 7.74
N GLY B 225 -4.83 50.64 7.49
CA GLY B 225 -4.90 49.37 8.17
C GLY B 225 -5.84 48.37 7.56
N GLN B 226 -6.44 48.66 6.41
CA GLN B 226 -7.36 47.69 5.82
C GLN B 226 -6.64 46.74 4.88
N PHE B 227 -7.17 45.52 4.75
CA PHE B 227 -6.49 44.46 4.01
C PHE B 227 -6.81 44.51 2.52
N TYR B 228 -5.80 44.21 1.73
CA TYR B 228 -5.99 43.97 0.30
C TYR B 228 -5.06 42.83 -0.12
N ILE B 229 -5.24 42.39 -1.36
CA ILE B 229 -4.47 41.28 -1.90
C ILE B 229 -3.45 41.85 -2.88
N GLU B 230 -2.18 41.55 -2.66
CA GLU B 230 -1.15 41.96 -3.60
C GLU B 230 -0.76 40.73 -4.41
N PRO B 231 -0.89 40.76 -5.73
CA PRO B 231 -0.44 39.61 -6.53
C PRO B 231 1.06 39.41 -6.42
N LEU B 232 1.48 38.15 -6.35
CA LEU B 232 2.88 37.80 -6.20
C LEU B 232 3.54 37.54 -7.55
N ARG B 233 4.76 38.04 -7.69
CA ARG B 233 5.51 37.93 -8.94
C ARG B 233 6.86 37.30 -8.68
N ASP B 234 7.44 36.76 -9.76
CA ASP B 234 8.78 36.17 -9.73
C ASP B 234 9.33 36.18 -11.14
N GLU B 235 9.30 37.34 -11.79
CA GLU B 235 9.80 37.48 -13.15
C GLU B 235 11.04 38.37 -13.17
N ASP B 239 1.96 36.79 -12.02
CA ASP B 239 2.50 35.73 -12.90
C ASP B 239 2.78 34.45 -12.10
N GLN B 240 2.79 34.45 -10.77
CA GLN B 240 2.91 33.19 -10.04
C GLN B 240 1.54 32.57 -9.81
N PHE B 241 1.46 31.22 -9.90
CA PHE B 241 0.20 30.51 -9.77
C PHE B 241 0.37 29.33 -8.81
N THR B 242 -0.75 28.95 -8.21
CA THR B 242 -0.84 27.87 -7.24
C THR B 242 -2.01 26.98 -7.63
N GLU B 243 -1.79 25.67 -7.65
CA GLU B 243 -2.87 24.72 -7.75
C GLU B 243 -3.50 24.55 -6.38
N TRP B 244 -4.82 24.58 -6.31
CA TRP B 244 -5.47 24.49 -5.02
C TRP B 244 -6.87 23.89 -5.14
N VAL B 245 -7.29 23.21 -4.06
CA VAL B 245 -8.64 22.66 -3.98
C VAL B 245 -9.65 23.77 -4.06
N SER B 246 -10.65 23.60 -4.93
CA SER B 246 -11.62 24.64 -5.25
C SER B 246 -12.89 24.58 -4.42
N VAL B 247 -13.18 23.45 -3.78
CA VAL B 247 -14.47 23.24 -3.13
C VAL B 247 -14.41 23.63 -1.68
N ASP B 248 -15.53 24.14 -1.16
CA ASP B 248 -15.67 24.40 0.26
C ASP B 248 -16.35 23.21 0.92
N PRO B 249 -15.62 22.37 1.67
CA PRO B 249 -16.25 21.15 2.19
C PRO B 249 -17.34 21.42 3.19
N LEU B 250 -17.42 22.64 3.75
CA LEU B 250 -18.41 22.90 4.77
C LEU B 250 -19.78 23.19 4.16
N SER B 251 -19.79 23.62 2.89
CA SER B 251 -21.04 23.90 2.17
C SER B 251 -20.73 23.76 0.70
N PRO B 252 -20.61 22.52 0.22
CA PRO B 252 -20.14 22.33 -1.16
C PRO B 252 -21.20 22.67 -2.18
N ASP B 253 -20.75 23.27 -3.29
CA ASP B 253 -21.63 23.64 -4.40
C ASP B 253 -21.68 22.49 -5.39
N LEU B 254 -22.61 21.57 -5.16
CA LEU B 254 -22.69 20.37 -6.00
C LEU B 254 -23.15 20.67 -7.42
N ALA B 255 -23.75 21.84 -7.65
CA ALA B 255 -24.10 22.20 -9.02
C ALA B 255 -22.85 22.53 -9.84
N LYS B 256 -21.92 23.28 -9.26
CA LYS B 256 -20.69 23.62 -9.96
C LYS B 256 -19.71 22.45 -9.96
N TYR B 257 -19.75 21.61 -8.92
CA TYR B 257 -18.79 20.51 -8.73
C TYR B 257 -19.51 19.18 -8.52
N PRO B 258 -20.23 18.69 -9.53
CA PRO B 258 -21.01 17.45 -9.32
C PRO B 258 -20.15 16.24 -8.97
N GLU B 259 -18.91 16.19 -9.46
CA GLU B 259 -18.01 15.10 -9.10
C GLU B 259 -17.81 15.01 -7.60
N TYR B 260 -17.89 16.13 -6.87
CA TYR B 260 -17.65 16.05 -5.43
C TYR B 260 -18.72 15.21 -4.74
N ALA B 261 -19.89 15.04 -5.35
CA ALA B 261 -20.90 14.20 -4.73
C ALA B 261 -20.43 12.76 -4.58
N ARG B 262 -19.40 12.35 -5.34
CA ARG B 262 -18.83 11.02 -5.18
C ARG B 262 -17.80 10.91 -4.06
N ALA B 263 -17.22 12.01 -3.61
CA ALA B 263 -16.35 11.93 -2.44
C ALA B 263 -17.13 11.51 -1.20
N LYS B 264 -16.43 10.91 -0.25
CA LYS B 264 -17.02 10.52 1.03
C LYS B 264 -16.23 11.12 2.18
N PRO B 265 -16.44 12.41 2.45
CA PRO B 265 -15.62 13.07 3.47
C PRO B 265 -15.95 12.54 4.86
N LEU B 266 -14.90 12.42 5.67
CA LEU B 266 -14.96 11.96 7.06
C LEU B 266 -14.84 13.16 8.00
N LYS B 267 -15.67 13.22 9.03
CA LYS B 267 -15.61 14.29 10.03
C LYS B 267 -15.07 13.68 11.31
N VAL B 268 -14.06 14.34 11.92
CA VAL B 268 -13.58 13.92 13.24
C VAL B 268 -13.23 15.14 14.07
N ARG B 269 -13.74 15.18 15.29
CA ARG B 269 -13.38 16.17 16.29
C ARG B 269 -12.31 15.58 17.19
N VAL B 270 -11.22 16.29 17.34
CA VAL B 270 -10.04 15.87 18.13
C VAL B 270 -10.00 16.79 19.34
N HIS B 271 -10.19 16.21 20.53
CA HIS B 271 -10.23 16.93 21.81
C HIS B 271 -8.87 16.95 22.48
N ALA B 272 -8.75 17.76 23.54
CA ALA B 272 -7.49 17.82 24.27
C ALA B 272 -7.11 16.45 24.82
N GLY B 273 -5.86 16.06 24.59
CA GLY B 273 -5.39 14.75 24.98
C GLY B 273 -5.55 13.68 23.93
N ASP B 274 -6.31 13.96 22.88
CA ASP B 274 -6.51 12.99 21.81
C ASP B 274 -5.35 13.10 20.82
N ILE B 275 -5.09 12.01 20.09
CA ILE B 275 -4.10 12.00 19.02
C ILE B 275 -4.81 11.62 17.73
N LEU B 276 -4.56 12.35 16.65
CA LEU B 276 -5.00 11.93 15.33
C LEU B 276 -3.80 11.59 14.46
N TYR B 277 -3.82 10.42 13.84
CA TYR B 277 -2.85 10.08 12.81
C TYR B 277 -3.49 10.41 11.46
N LEU B 278 -2.92 11.38 10.74
CA LEU B 278 -3.39 11.82 9.43
C LEU B 278 -2.36 11.29 8.43
N PRO B 279 -2.67 10.21 7.73
CA PRO B 279 -1.65 9.60 6.88
C PRO B 279 -1.31 10.45 5.67
N ASN B 280 -0.18 10.14 5.09
CA ASN B 280 0.32 10.93 4.00
C ASN B 280 -0.69 11.04 2.86
N TYR B 281 -0.75 12.25 2.31
CA TYR B 281 -1.53 12.69 1.17
C TYR B 281 -3.02 12.67 1.37
N TRP B 282 -3.51 12.42 2.58
CA TRP B 282 -4.93 12.59 2.82
C TRP B 282 -5.29 14.06 2.79
N PHE B 283 -6.38 14.41 2.10
CA PHE B 283 -6.89 15.77 2.12
C PHE B 283 -7.46 16.06 3.49
N HIS B 284 -7.22 17.27 3.95
CA HIS B 284 -7.78 17.70 5.23
C HIS B 284 -8.10 19.19 5.22
N HIS B 285 -9.22 19.51 5.84
CA HIS B 285 -9.72 20.86 6.12
C HIS B 285 -9.89 20.93 7.62
N VAL B 286 -9.55 22.08 8.23
CA VAL B 286 -9.39 22.07 9.68
C VAL B 286 -9.98 23.35 10.25
N SER B 287 -10.84 23.19 11.26
CA SER B 287 -11.43 24.30 12.01
C SER B 287 -11.14 24.10 13.47
N GLN B 288 -11.26 25.14 14.25
CA GLN B 288 -10.89 24.97 15.65
C GLN B 288 -11.78 25.79 16.57
N SER B 289 -11.76 25.41 17.84
CA SER B 289 -12.33 26.22 18.90
C SER B 289 -11.47 27.46 19.18
N HIS B 290 -12.01 28.41 19.93
CA HIS B 290 -11.31 29.66 20.11
C HIS B 290 -10.09 29.51 21.01
N LYS B 291 -8.93 29.95 20.51
CA LYS B 291 -7.64 29.82 21.20
C LYS B 291 -7.28 28.37 21.47
N CYS B 292 -7.70 27.51 20.56
CA CYS B 292 -7.26 26.12 20.55
C CYS B 292 -5.75 26.07 20.42
N ILE B 293 -5.11 25.19 21.17
CA ILE B 293 -3.67 24.95 21.06
C ILE B 293 -3.43 23.51 20.63
N ALA B 294 -2.56 23.33 19.65
CA ALA B 294 -2.21 21.98 19.21
C ALA B 294 -0.74 21.93 18.86
N VAL B 295 -0.20 20.73 18.89
CA VAL B 295 1.15 20.46 18.42
C VAL B 295 1.08 19.29 17.45
N ASN B 296 1.86 19.35 16.38
CA ASN B 296 1.87 18.18 15.50
C ASN B 296 3.29 17.87 15.04
N PHE B 297 3.46 16.60 14.67
CA PHE B 297 4.77 16.04 14.33
C PHE B 297 4.63 15.55 12.91
N TRP B 298 5.48 16.04 12.00
CA TRP B 298 5.49 15.60 10.60
C TRP B 298 6.69 14.69 10.39
N TYR B 299 6.48 13.56 9.65
CA TYR B 299 7.55 12.67 9.26
C TYR B 299 7.55 12.51 7.75
N ASP B 300 8.72 12.61 7.13
CA ASP B 300 8.85 12.44 5.70
C ASP B 300 8.37 11.04 5.30
N LEU B 301 7.72 10.94 4.17
CA LEU B 301 7.12 9.65 3.82
C LEU B 301 8.20 8.71 3.30
N ASP B 302 7.94 7.40 3.50
N ASP B 302 7.94 7.40 3.50
CA ASP B 302 8.80 6.34 2.98
CA ASP B 302 8.79 6.34 2.98
C ASP B 302 8.08 5.79 1.75
C ASP B 302 8.08 5.79 1.75
N TYR B 303 8.65 6.06 0.58
CA TYR B 303 7.95 5.78 -0.66
C TYR B 303 7.67 4.31 -0.86
N ASP B 304 6.50 4.04 -1.40
CA ASP B 304 6.11 2.70 -1.72
C ASP B 304 5.30 2.77 -3.01
N SER B 305 4.85 1.61 -3.47
CA SER B 305 4.05 1.52 -4.68
C SER B 305 2.85 2.43 -4.64
N ARG B 306 2.27 2.61 -3.44
CA ARG B 306 1.07 3.43 -3.34
C ARG B 306 1.33 4.87 -3.74
N TYR B 307 2.51 5.39 -3.39
CA TYR B 307 2.85 6.73 -3.83
C TYR B 307 2.96 6.82 -5.35
N CYS B 308 3.58 5.83 -5.99
CA CYS B 308 3.68 5.88 -7.43
C CYS B 308 2.32 5.85 -8.10
N TYR B 309 1.42 4.99 -7.59
CA TYR B 309 0.06 4.97 -8.13
C TYR B 309 -0.58 6.32 -7.96
N TYR B 310 -0.38 6.96 -6.79
CA TYR B 310 -0.97 8.25 -6.59
C TYR B 310 -0.39 9.30 -7.55
N ARG B 311 0.90 9.25 -7.85
CA ARG B 311 1.45 10.15 -8.84
C ARG B 311 0.84 9.93 -10.22
N MET B 312 0.58 8.68 -10.56
CA MET B 312 -0.12 8.41 -11.81
C MET B 312 -1.50 9.02 -11.78
N LEU B 313 -2.20 8.86 -10.66
CA LEU B 313 -3.51 9.47 -10.50
C LEU B 313 -3.45 10.98 -10.65
N GLU B 314 -2.44 11.62 -10.05
CA GLU B 314 -2.30 13.07 -10.21
C GLU B 314 -2.18 13.42 -11.69
N GLN B 315 -1.48 12.58 -12.46
CA GLN B 315 -1.34 12.84 -13.90
C GLN B 315 -2.68 12.66 -14.61
N MET B 316 -3.45 11.64 -14.24
CA MET B 316 -4.70 11.36 -14.92
C MET B 316 -5.77 12.40 -14.64
N THR B 317 -5.68 13.10 -13.51
CA THR B 317 -6.67 14.08 -13.09
C THR B 317 -6.13 15.49 -13.15
N SER B 318 -4.96 15.71 -13.78
CA SER B 318 -4.32 17.01 -13.82
C SER B 318 -5.36 18.08 -14.14
N ALA B 319 -5.64 18.96 -13.19
CA ALA B 319 -6.74 19.90 -13.31
C ALA B 319 -6.48 21.19 -12.54
#